data_1XKD
#
_entry.id   1XKD
#
_cell.length_a   107.575
_cell.length_b   107.575
_cell.length_c   171.045
_cell.angle_alpha   90.00
_cell.angle_beta   90.00
_cell.angle_gamma   90.00
#
_symmetry.space_group_name_H-M   'P 43 21 2'
#
loop_
_entity.id
_entity.type
_entity.pdbx_description
1 polymer 'isocitrate dehydrogenase'
2 non-polymer 'CALCIUM ION'
3 non-polymer 'NADP NICOTINAMIDE-ADENINE-DINUCLEOTIDE PHOSPHATE'
4 non-polymer 'ISOCITRIC ACID'
5 water water
#
_entity_poly.entity_id   1
_entity_poly.type   'polypeptide(L)'
_entity_poly.pdbx_seq_one_letter_code
;MQVMASPPCTTEELSPPPGGSLVEYSGGSLRVPDNPVVAFIRGDGVGPEVVESALKVVDAAVKKVYGGSRRIVWWELLAG
HLAREKCGELLPKATLEGIRLARVALKGPLETPVGTGYRSLNVAIRQALDLYANIRPVRYYGQPAPHKYADRVDMVIFRE
NTEDVYAGIEWPHDSPEAARIRRFLAEEFGISIREDAGIGVKPISRFATRRLMERALEWALRNGNTVVTIMHKGNIMKYT
EGAFMRWAYEVALEKFREHVVTEQEVQEKYGGVRPEGKILVNDRIADNMLQQIITRPWDYQVIVAPNLNGDYISDAASAL
VGGIGMAAGMNMGDGIAVAEPVHGTAPKYAGKDLINPSAEILSASLLIGEFMGWREVKSIVEYAIRKAVQSKKVTQDLAR
HMPGVQPLRTSEYTETLIAYIDEADLNEVLAGKRG
;
_entity_poly.pdbx_strand_id   A,B
#
# COMPACT_ATOMS: atom_id res chain seq x y z
N ALA A 5 -22.63 -30.85 27.06
CA ALA A 5 -22.25 -29.56 26.42
C ALA A 5 -23.40 -29.05 25.53
N SER A 6 -23.20 -29.11 24.20
CA SER A 6 -24.13 -28.55 23.22
C SER A 6 -24.09 -27.00 23.20
N PRO A 7 -23.65 -26.42 22.07
CA PRO A 7 -23.51 -24.96 21.96
C PRO A 7 -24.84 -24.19 22.05
N PRO A 8 -24.83 -22.96 22.58
CA PRO A 8 -26.06 -22.21 22.84
C PRO A 8 -26.68 -21.48 21.63
N CYS A 9 -28.00 -21.42 21.63
CA CYS A 9 -28.77 -20.67 20.63
C CYS A 9 -29.46 -19.45 21.24
N THR A 10 -29.62 -19.48 22.57
CA THR A 10 -30.33 -18.43 23.31
C THR A 10 -29.52 -17.98 24.52
N THR A 11 -29.78 -16.74 24.95
CA THR A 11 -29.16 -16.12 26.12
C THR A 11 -29.21 -17.00 27.36
N GLU A 12 -30.36 -17.62 27.56
CA GLU A 12 -30.65 -18.45 28.72
C GLU A 12 -29.86 -19.76 28.67
N GLU A 13 -29.44 -20.15 27.47
CA GLU A 13 -28.64 -21.36 27.28
C GLU A 13 -27.15 -21.07 27.46
N LEU A 14 -26.80 -19.80 27.70
CA LEU A 14 -25.40 -19.39 27.80
C LEU A 14 -24.76 -19.79 29.12
N SER A 15 -23.85 -20.75 29.06
CA SER A 15 -23.21 -21.30 30.24
C SER A 15 -21.76 -21.68 29.92
N PRO A 16 -20.81 -20.89 30.42
CA PRO A 16 -19.39 -21.19 30.21
C PRO A 16 -19.07 -22.57 30.80
N PRO A 17 -18.11 -23.28 30.22
CA PRO A 17 -17.93 -24.71 30.51
C PRO A 17 -17.33 -24.97 31.89
N PRO A 18 -17.57 -26.17 32.42
CA PRO A 18 -17.09 -26.56 33.75
C PRO A 18 -15.57 -26.51 33.82
N GLY A 19 -15.05 -26.04 34.96
CA GLY A 19 -13.63 -25.97 35.18
C GLY A 19 -13.00 -24.66 34.77
N GLY A 20 -13.75 -23.82 34.06
CA GLY A 20 -13.18 -22.58 33.52
C GLY A 20 -13.55 -21.34 34.31
N SER A 21 -12.68 -20.34 34.22
CA SER A 21 -12.97 -19.02 34.77
C SER A 21 -12.86 -17.98 33.67
N LEU A 22 -13.79 -17.04 33.76
CA LEU A 22 -13.96 -15.97 32.82
C LEU A 22 -12.78 -15.02 32.88
N VAL A 23 -12.28 -14.63 31.71
CA VAL A 23 -11.32 -13.54 31.61
C VAL A 23 -12.05 -12.27 32.03
N GLU A 24 -11.43 -11.47 32.88
CA GLU A 24 -12.04 -10.23 33.33
C GLU A 24 -11.41 -8.99 32.71
N TYR A 25 -12.24 -7.96 32.56
CA TYR A 25 -11.79 -6.65 32.13
C TYR A 25 -12.43 -5.58 33.00
N SER A 26 -11.67 -5.12 33.98
CA SER A 26 -12.09 -4.05 34.91
C SER A 26 -10.93 -3.06 35.03
N GLY A 27 -11.25 -1.78 35.19
CA GLY A 27 -10.29 -0.72 34.96
C GLY A 27 -9.87 -0.81 33.50
N GLY A 28 -8.58 -0.65 33.22
CA GLY A 28 -8.06 -0.86 31.88
C GLY A 28 -7.26 -2.15 31.85
N SER A 29 -7.62 -3.07 32.74
CA SER A 29 -6.81 -4.24 32.99
C SER A 29 -7.51 -5.54 32.60
N LEU A 30 -6.77 -6.38 31.86
CA LEU A 30 -7.22 -7.73 31.51
C LEU A 30 -6.66 -8.71 32.53
N ARG A 31 -7.56 -9.45 33.15
CA ARG A 31 -7.15 -10.42 34.15
C ARG A 31 -7.46 -11.79 33.58
N VAL A 32 -6.39 -12.53 33.33
CA VAL A 32 -6.49 -13.82 32.69
C VAL A 32 -6.11 -14.86 33.73
N PRO A 33 -7.08 -15.68 34.13
CA PRO A 33 -6.81 -16.75 35.11
C PRO A 33 -6.03 -17.89 34.47
N ASP A 34 -5.58 -18.86 35.27
CA ASP A 34 -4.80 -20.00 34.80
C ASP A 34 -5.65 -21.00 34.01
N ASN A 35 -6.96 -20.94 34.24
CA ASN A 35 -7.92 -21.83 33.58
C ASN A 35 -8.95 -21.01 32.78
N PRO A 36 -8.50 -20.22 31.83
CA PRO A 36 -9.37 -19.23 31.19
C PRO A 36 -10.41 -19.81 30.22
N VAL A 37 -11.63 -19.28 30.28
CA VAL A 37 -12.61 -19.56 29.23
C VAL A 37 -12.22 -18.83 27.94
N VAL A 38 -12.05 -19.57 26.85
CA VAL A 38 -11.87 -18.97 25.54
C VAL A 38 -12.95 -19.51 24.58
N ALA A 39 -13.72 -18.60 24.00
CA ALA A 39 -14.79 -18.99 23.10
C ALA A 39 -14.19 -19.39 21.77
N PHE A 40 -14.80 -20.35 21.10
CA PHE A 40 -14.40 -20.62 19.71
C PHE A 40 -15.62 -20.86 18.84
N ILE A 41 -15.50 -20.42 17.59
CA ILE A 41 -16.52 -20.60 16.56
C ILE A 41 -15.92 -21.40 15.39
N ARG A 42 -16.46 -22.57 15.13
CA ARG A 42 -15.94 -23.43 14.06
C ARG A 42 -16.03 -22.76 12.69
N GLY A 43 -17.14 -22.06 12.43
CA GLY A 43 -17.35 -21.33 11.20
C GLY A 43 -17.70 -22.19 9.99
N ASP A 44 -17.26 -21.76 8.79
CA ASP A 44 -17.70 -22.42 7.55
C ASP A 44 -16.56 -22.93 6.67
N GLY A 45 -16.89 -23.70 5.65
CA GLY A 45 -15.91 -24.26 4.75
C GLY A 45 -14.87 -25.04 5.53
N VAL A 46 -13.62 -24.60 5.42
CA VAL A 46 -12.53 -25.28 6.06
C VAL A 46 -12.45 -24.88 7.52
N GLY A 47 -13.30 -23.95 7.96
CA GLY A 47 -13.30 -23.49 9.35
C GLY A 47 -13.23 -24.58 10.42
N PRO A 48 -14.16 -25.51 10.43
CA PRO A 48 -14.13 -26.59 11.43
C PRO A 48 -12.78 -27.32 11.47
N GLU A 49 -12.23 -27.65 10.30
CA GLU A 49 -10.96 -28.36 10.23
C GLU A 49 -9.81 -27.55 10.84
N VAL A 50 -9.71 -26.28 10.50
CA VAL A 50 -8.56 -25.48 10.95
C VAL A 50 -8.75 -25.06 12.40
N VAL A 51 -10.00 -24.85 12.83
CA VAL A 51 -10.26 -24.49 14.24
C VAL A 51 -9.91 -25.68 15.12
N GLU A 52 -10.37 -26.85 14.72
CA GLU A 52 -10.09 -28.10 15.39
C GLU A 52 -8.59 -28.32 15.58
N SER A 53 -7.83 -28.08 14.52
CA SER A 53 -6.39 -28.24 14.54
C SER A 53 -5.75 -27.23 15.53
N ALA A 54 -6.22 -25.98 15.47
CA ALA A 54 -5.72 -24.91 16.35
C ALA A 54 -5.99 -25.20 17.83
N LEU A 55 -7.15 -25.77 18.17
CA LEU A 55 -7.41 -26.13 19.58
C LEU A 55 -6.40 -27.16 20.07
N LYS A 56 -6.14 -28.16 19.24
CA LYS A 56 -5.26 -29.28 19.57
C LYS A 56 -3.81 -28.85 19.71
N VAL A 57 -3.36 -27.98 18.82
CA VAL A 57 -1.99 -27.52 18.83
C VAL A 57 -1.75 -26.60 20.03
N VAL A 58 -2.73 -25.74 20.27
CA VAL A 58 -2.63 -24.78 21.35
C VAL A 58 -2.66 -25.49 22.72
N ASP A 59 -3.59 -26.44 22.88
CA ASP A 59 -3.63 -27.26 24.10
C ASP A 59 -2.31 -28.00 24.33
N ALA A 60 -1.72 -28.60 23.30
CA ALA A 60 -0.44 -29.30 23.54
C ALA A 60 0.62 -28.29 23.97
N ALA A 61 0.61 -27.12 23.34
CA ALA A 61 1.54 -26.06 23.66
C ALA A 61 1.39 -25.61 25.10
N VAL A 62 0.18 -25.29 25.54
CA VAL A 62 0.06 -24.84 26.92
C VAL A 62 0.43 -25.87 27.95
N LYS A 63 0.07 -27.13 27.71
CA LYS A 63 0.46 -28.21 28.61
C LYS A 63 1.99 -28.33 28.69
N LYS A 64 2.66 -28.25 27.55
CA LYS A 64 4.09 -28.40 27.52
C LYS A 64 4.81 -27.28 28.27
N VAL A 65 4.40 -26.04 28.07
CA VAL A 65 5.18 -24.93 28.61
C VAL A 65 4.80 -24.57 30.05
N TYR A 66 3.59 -24.94 30.46
CA TYR A 66 3.09 -24.57 31.78
C TYR A 66 2.89 -25.78 32.66
N GLY A 67 3.22 -26.95 32.13
CA GLY A 67 3.15 -28.20 32.87
C GLY A 67 1.90 -28.42 33.71
N GLY A 68 0.73 -28.23 33.12
CA GLY A 68 -0.53 -28.38 33.84
C GLY A 68 -0.90 -27.30 34.85
N SER A 69 -0.09 -26.25 34.98
CA SER A 69 -0.48 -25.10 35.81
C SER A 69 -1.61 -24.33 35.13
N ARG A 70 -1.63 -24.42 33.80
CA ARG A 70 -2.57 -23.64 32.99
C ARG A 70 -3.27 -24.53 32.01
N ARG A 71 -4.46 -24.12 31.59
CA ARG A 71 -5.25 -24.93 30.64
C ARG A 71 -6.44 -24.11 30.19
N ILE A 72 -6.58 -23.96 28.88
CA ILE A 72 -7.68 -23.22 28.29
C ILE A 72 -8.94 -24.08 28.33
N VAL A 73 -10.03 -23.46 28.74
CA VAL A 73 -11.33 -24.10 28.72
C VAL A 73 -12.10 -23.55 27.52
N TRP A 74 -12.11 -24.34 26.45
CA TRP A 74 -12.74 -23.92 25.23
C TRP A 74 -14.25 -23.90 25.35
N TRP A 75 -14.86 -22.83 24.85
CA TRP A 75 -16.32 -22.67 24.93
C TRP A 75 -16.88 -22.44 23.52
N GLU A 76 -17.62 -23.44 23.04
CA GLU A 76 -18.13 -23.38 21.67
C GLU A 76 -19.31 -22.47 21.50
N LEU A 77 -19.18 -21.54 20.54
CA LEU A 77 -20.31 -20.72 20.13
C LEU A 77 -20.51 -20.97 18.64
N LEU A 78 -21.72 -20.66 18.15
CA LEU A 78 -22.08 -20.93 16.76
C LEU A 78 -22.28 -19.68 15.93
N ALA A 79 -21.77 -19.70 14.71
CA ALA A 79 -22.09 -18.69 13.70
C ALA A 79 -21.91 -19.34 12.34
N GLY A 80 -22.81 -19.02 11.43
CA GLY A 80 -22.68 -19.55 10.07
C GLY A 80 -23.44 -20.83 9.95
N HIS A 81 -22.95 -21.79 9.15
CA HIS A 81 -23.79 -22.95 8.78
C HIS A 81 -24.21 -23.80 9.97
N LEU A 82 -23.33 -23.90 10.97
CA LEU A 82 -23.67 -24.64 12.18
C LEU A 82 -24.72 -23.90 13.00
N ALA A 83 -24.65 -22.58 13.02
CA ALA A 83 -25.70 -21.81 13.70
C ALA A 83 -27.07 -21.98 13.01
N ARG A 84 -27.06 -21.98 11.67
CA ARG A 84 -28.28 -22.25 10.90
C ARG A 84 -28.84 -23.62 11.26
N GLU A 85 -27.99 -24.65 11.14
CA GLU A 85 -28.39 -26.03 11.39
C GLU A 85 -28.98 -26.17 12.80
N LYS A 86 -28.33 -25.60 13.81
CA LYS A 86 -28.75 -25.80 15.19
C LYS A 86 -29.82 -24.82 15.66
N CYS A 87 -29.72 -23.58 15.22
CA CYS A 87 -30.47 -22.47 15.84
C CYS A 87 -31.51 -21.84 14.94
N GLY A 88 -31.37 -22.02 13.64
CA GLY A 88 -32.28 -21.45 12.66
C GLY A 88 -31.89 -20.09 12.11
N GLU A 89 -30.78 -19.53 12.61
CA GLU A 89 -30.27 -18.22 12.17
C GLU A 89 -28.74 -18.22 12.09
N LEU A 90 -28.17 -17.38 11.22
CA LEU A 90 -26.72 -17.39 10.96
C LEU A 90 -25.86 -16.83 12.12
N LEU A 91 -26.38 -15.88 12.86
CA LEU A 91 -25.65 -15.22 13.94
C LEU A 91 -26.60 -14.98 15.13
N PRO A 92 -26.75 -15.97 15.99
CA PRO A 92 -27.58 -15.77 17.19
C PRO A 92 -27.01 -14.65 18.07
N LYS A 93 -27.89 -13.86 18.69
CA LYS A 93 -27.48 -12.83 19.64
C LYS A 93 -26.65 -13.43 20.76
N ALA A 94 -26.98 -14.65 21.15
CA ALA A 94 -26.28 -15.39 22.19
C ALA A 94 -24.78 -15.57 21.92
N THR A 95 -24.42 -15.70 20.64
CA THR A 95 -23.02 -15.83 20.22
C THR A 95 -22.25 -14.53 20.51
N LEU A 96 -22.90 -13.42 20.15
CA LEU A 96 -22.39 -12.09 20.44
C LEU A 96 -22.26 -11.87 21.94
N GLU A 97 -23.31 -12.22 22.68
CA GLU A 97 -23.32 -12.09 24.12
C GLU A 97 -22.26 -12.98 24.74
N GLY A 98 -22.08 -14.17 24.14
CA GLY A 98 -21.05 -15.09 24.57
C GLY A 98 -19.65 -14.53 24.44
N ILE A 99 -19.36 -13.91 23.30
CA ILE A 99 -18.06 -13.27 23.12
C ILE A 99 -17.85 -12.15 24.14
N ARG A 100 -18.86 -11.30 24.31
CA ARG A 100 -18.84 -10.21 25.29
C ARG A 100 -18.56 -10.69 26.71
N LEU A 101 -19.10 -11.84 27.07
CA LEU A 101 -18.85 -12.43 28.38
C LEU A 101 -17.42 -13.00 28.47
N ALA A 102 -16.97 -13.72 27.43
CA ALA A 102 -15.67 -14.37 27.44
C ALA A 102 -14.50 -13.40 27.24
N ARG A 103 -14.73 -12.32 26.49
CA ARG A 103 -13.71 -11.33 26.14
C ARG A 103 -12.71 -11.78 25.08
N VAL A 104 -12.49 -13.09 24.96
CA VAL A 104 -11.52 -13.63 24.01
C VAL A 104 -12.18 -14.77 23.21
N ALA A 105 -11.99 -14.76 21.89
CA ALA A 105 -12.60 -15.74 20.99
C ALA A 105 -11.70 -16.03 19.79
N LEU A 106 -11.66 -17.31 19.43
CA LEU A 106 -11.02 -17.76 18.20
C LEU A 106 -12.15 -18.15 17.24
N LYS A 107 -12.14 -17.63 16.03
CA LYS A 107 -13.16 -18.04 15.06
C LYS A 107 -12.57 -18.50 13.76
N GLY A 108 -13.31 -19.38 13.06
CA GLY A 108 -12.96 -19.74 11.71
C GLY A 108 -13.56 -18.71 10.72
N PRO A 109 -13.24 -18.85 9.44
CA PRO A 109 -13.82 -17.94 8.44
C PRO A 109 -15.32 -18.17 8.33
N LEU A 110 -16.04 -17.15 7.89
CA LEU A 110 -17.45 -17.24 7.71
C LEU A 110 -17.82 -16.93 6.28
N GLU A 111 -18.85 -17.61 5.82
CA GLU A 111 -19.37 -17.39 4.50
C GLU A 111 -20.21 -16.13 4.46
N THR A 112 -20.07 -15.38 3.37
CA THR A 112 -20.90 -14.20 3.11
C THR A 112 -22.28 -14.64 2.59
N PRO A 113 -23.34 -14.28 3.31
CA PRO A 113 -24.71 -14.58 2.90
C PRO A 113 -25.05 -14.00 1.52
N VAL A 114 -25.89 -14.70 0.76
CA VAL A 114 -26.29 -14.27 -0.58
C VAL A 114 -27.59 -13.46 -0.51
N ARG A 119 -24.83 -8.18 3.85
CA ARG A 119 -24.86 -7.75 5.24
C ARG A 119 -23.57 -8.16 5.96
N SER A 120 -22.99 -9.29 5.53
CA SER A 120 -21.71 -9.89 6.08
C SER A 120 -21.65 -10.15 7.58
N LEU A 121 -21.39 -11.43 7.88
CA LEU A 121 -21.36 -11.87 9.29
C LEU A 121 -20.17 -11.33 10.07
N ASN A 122 -18.98 -11.31 9.46
CA ASN A 122 -17.79 -10.79 10.12
C ASN A 122 -17.93 -9.31 10.52
N VAL A 123 -18.51 -8.50 9.63
CA VAL A 123 -18.76 -7.09 9.89
C VAL A 123 -19.79 -6.91 10.99
N ALA A 124 -20.85 -7.72 10.97
CA ALA A 124 -21.84 -7.68 12.05
C ALA A 124 -21.23 -7.99 13.44
N ILE A 125 -20.25 -8.90 13.48
CA ILE A 125 -19.56 -9.25 14.72
C ILE A 125 -18.69 -8.09 15.22
N ARG A 126 -17.90 -7.49 14.34
CA ARG A 126 -17.04 -6.37 14.78
C ARG A 126 -17.86 -5.18 15.24
N GLN A 127 -18.98 -4.94 14.59
CA GLN A 127 -19.79 -3.77 14.92
C GLN A 127 -20.53 -3.93 16.23
N ALA A 128 -21.08 -5.11 16.48
CA ALA A 128 -21.82 -5.35 17.71
C ALA A 128 -20.89 -5.32 18.91
N LEU A 129 -19.63 -5.68 18.69
CA LEU A 129 -18.66 -5.83 19.76
C LEU A 129 -17.69 -4.67 19.81
N ASP A 130 -17.87 -3.75 18.87
CA ASP A 130 -17.00 -2.58 18.73
C ASP A 130 -15.53 -2.99 18.65
N LEU A 131 -15.21 -3.84 17.68
CA LEU A 131 -13.84 -4.28 17.49
C LEU A 131 -13.17 -3.38 16.45
N TYR A 132 -12.64 -2.25 16.92
CA TYR A 132 -12.25 -1.15 16.03
C TYR A 132 -10.85 -1.29 15.45
N ALA A 133 -10.00 -2.09 16.10
CA ALA A 133 -8.62 -2.27 15.65
C ALA A 133 -8.43 -3.60 14.97
N ASN A 134 -8.07 -3.56 13.70
CA ASN A 134 -7.70 -4.75 12.95
C ASN A 134 -6.19 -4.92 13.02
N ILE A 135 -5.77 -6.07 13.57
CA ILE A 135 -4.37 -6.34 13.83
C ILE A 135 -3.86 -7.52 12.96
N ARG A 136 -2.79 -7.27 12.21
CA ARG A 136 -2.20 -8.29 11.35
C ARG A 136 -0.68 -8.41 11.53
N PRO A 137 -0.23 -9.45 12.24
CA PRO A 137 1.20 -9.73 12.34
C PRO A 137 1.64 -10.30 11.01
N VAL A 138 2.83 -9.91 10.57
CA VAL A 138 3.37 -10.49 9.36
C VAL A 138 4.79 -10.93 9.70
N ARG A 139 5.03 -12.23 9.63
CA ARG A 139 6.30 -12.82 10.03
C ARG A 139 6.66 -13.90 9.00
N TYR A 140 7.93 -14.29 9.02
CA TYR A 140 8.45 -15.27 8.10
C TYR A 140 8.76 -16.59 8.84
N TYR A 141 8.22 -17.71 8.33
CA TYR A 141 8.37 -19.02 8.96
C TYR A 141 9.22 -19.99 8.15
N GLY A 142 10.00 -19.48 7.20
CA GLY A 142 10.85 -20.32 6.38
C GLY A 142 10.25 -20.69 5.01
N GLN A 143 8.98 -20.35 4.78
CA GLN A 143 8.30 -20.59 3.49
C GLN A 143 9.14 -20.12 2.32
N PRO A 144 8.96 -20.76 1.16
CA PRO A 144 9.39 -20.19 -0.12
C PRO A 144 8.75 -18.81 -0.25
N ALA A 145 9.54 -17.79 -0.55
CA ALA A 145 9.06 -16.40 -0.55
C ALA A 145 9.76 -15.59 -1.67
N PRO A 146 9.06 -14.63 -2.27
CA PRO A 146 9.61 -13.83 -3.37
C PRO A 146 10.55 -12.71 -2.92
N HIS A 147 10.61 -12.43 -1.62
CA HIS A 147 11.40 -11.32 -1.06
C HIS A 147 12.76 -11.87 -0.61
N LYS A 148 13.85 -11.32 -1.15
CA LYS A 148 15.20 -11.72 -0.75
C LYS A 148 15.37 -11.55 0.76
N TYR A 149 14.68 -10.55 1.30
CA TYR A 149 14.75 -10.15 2.71
C TYR A 149 13.53 -10.59 3.51
N ALA A 150 12.81 -11.60 3.04
CA ALA A 150 11.62 -12.08 3.75
C ALA A 150 11.91 -12.33 5.23
N ASP A 151 13.09 -12.88 5.54
CA ASP A 151 13.44 -13.20 6.92
C ASP A 151 13.70 -11.96 7.79
N ARG A 152 13.70 -10.78 7.17
CA ARG A 152 13.81 -9.52 7.90
C ARG A 152 12.46 -8.83 8.10
N VAL A 153 11.37 -9.45 7.65
CA VAL A 153 10.04 -8.89 7.83
C VAL A 153 9.47 -9.47 9.12
N ASP A 154 9.31 -8.62 10.13
CA ASP A 154 8.64 -9.05 11.34
C ASP A 154 7.88 -7.81 11.81
N MET A 155 6.58 -7.78 11.52
CA MET A 155 5.82 -6.55 11.56
C MET A 155 4.45 -6.83 12.10
N VAL A 156 3.78 -5.80 12.62
CA VAL A 156 2.38 -5.90 13.00
C VAL A 156 1.68 -4.64 12.53
N ILE A 157 0.58 -4.83 11.84
CA ILE A 157 -0.16 -3.69 11.33
C ILE A 157 -1.40 -3.48 12.18
N PHE A 158 -1.45 -2.29 12.78
CA PHE A 158 -2.62 -1.79 13.48
C PHE A 158 -3.42 -0.92 12.53
N ARG A 159 -4.48 -1.49 11.99
CA ARG A 159 -5.32 -0.85 11.00
C ARG A 159 -6.64 -0.42 11.64
N GLU A 160 -6.93 0.89 11.55
CA GLU A 160 -8.21 1.44 12.02
C GLU A 160 -9.30 0.81 11.18
N ASN A 161 -10.27 0.20 11.82
CA ASN A 161 -11.22 -0.64 11.08
C ASN A 161 -12.66 -0.16 11.07
N THR A 162 -12.92 1.15 11.28
CA THR A 162 -14.32 1.65 11.29
C THR A 162 -14.63 2.78 10.31
N GLU A 163 -13.65 3.60 10.00
CA GLU A 163 -13.90 4.83 9.25
C GLU A 163 -13.22 4.82 7.88
N ASP A 164 -12.86 6.01 7.40
CA ASP A 164 -12.17 6.17 6.12
C ASP A 164 -13.18 5.84 5.02
N VAL A 165 -12.72 5.73 3.78
CA VAL A 165 -13.61 5.41 2.65
C VAL A 165 -14.40 4.10 2.81
N TYR A 166 -14.01 3.25 3.79
CA TYR A 166 -14.72 2.01 4.10
C TYR A 166 -16.00 2.25 4.98
N ALA A 167 -16.30 3.49 5.34
CA ALA A 167 -17.52 3.80 6.10
C ALA A 167 -18.79 3.60 5.23
N GLY A 168 -18.58 3.46 3.92
CA GLY A 168 -19.64 3.26 2.93
C GLY A 168 -20.42 4.49 2.50
N ILE A 169 -19.82 5.67 2.61
CA ILE A 169 -20.52 6.91 2.28
C ILE A 169 -20.16 7.32 0.89
N GLU A 170 -21.11 7.16 -0.03
CA GLU A 170 -20.86 7.39 -1.45
C GLU A 170 -22.17 7.33 -2.22
N TRP A 171 -22.21 7.97 -3.37
CA TRP A 171 -23.42 7.96 -4.21
C TRP A 171 -23.05 7.74 -5.68
N PRO A 172 -23.87 6.97 -6.40
CA PRO A 172 -23.68 6.84 -7.87
C PRO A 172 -23.71 8.19 -8.59
N HIS A 173 -22.98 8.33 -9.71
CA HIS A 173 -22.88 9.62 -10.43
C HIS A 173 -24.19 10.17 -10.97
N ASP A 174 -25.16 9.29 -11.21
CA ASP A 174 -26.42 9.69 -11.84
C ASP A 174 -27.58 9.76 -10.84
N SER A 175 -27.28 9.50 -9.57
CA SER A 175 -28.27 9.63 -8.51
C SER A 175 -28.71 11.10 -8.35
N PRO A 176 -29.91 11.34 -7.80
CA PRO A 176 -30.35 12.71 -7.48
C PRO A 176 -29.62 13.19 -6.22
N GLU A 177 -29.18 12.22 -5.40
CA GLU A 177 -28.38 12.47 -4.19
C GLU A 177 -27.09 13.17 -4.59
N ALA A 178 -26.38 12.55 -5.52
CA ALA A 178 -25.13 13.11 -6.02
C ALA A 178 -25.29 14.52 -6.58
N ALA A 179 -26.36 14.74 -7.35
CA ALA A 179 -26.66 16.08 -7.88
C ALA A 179 -26.92 17.13 -6.78
N ARG A 180 -27.66 16.74 -5.74
CA ARG A 180 -27.86 17.58 -4.56
C ARG A 180 -26.52 17.98 -3.93
N ILE A 181 -25.62 17.00 -3.77
CA ILE A 181 -24.30 17.21 -3.20
C ILE A 181 -23.43 18.13 -4.07
N ARG A 182 -23.43 17.89 -5.37
CA ARG A 182 -22.77 18.78 -6.33
C ARG A 182 -23.26 20.21 -6.19
N ARG A 183 -24.58 20.39 -6.06
CA ARG A 183 -25.20 21.72 -5.98
C ARG A 183 -24.80 22.42 -4.67
N PHE A 184 -24.93 21.68 -3.59
CA PHE A 184 -24.59 22.14 -2.25
C PHE A 184 -23.13 22.59 -2.20
N LEU A 185 -22.21 21.74 -2.67
CA LEU A 185 -20.79 22.11 -2.70
C LEU A 185 -20.49 23.34 -3.58
N ALA A 186 -21.22 23.48 -4.69
CA ALA A 186 -20.96 24.57 -5.62
C ALA A 186 -21.41 25.91 -5.02
N GLU A 187 -22.61 25.89 -4.46
CA GLU A 187 -23.20 27.09 -3.88
C GLU A 187 -22.50 27.53 -2.60
N GLU A 188 -22.18 26.58 -1.73
CA GLU A 188 -21.74 26.93 -0.38
C GLU A 188 -20.23 27.11 -0.28
N PHE A 189 -19.47 26.37 -1.08
CA PHE A 189 -18.01 26.39 -0.97
C PHE A 189 -17.29 26.73 -2.29
N GLY A 190 -18.06 26.99 -3.35
CA GLY A 190 -17.48 27.17 -4.68
C GLY A 190 -16.71 26.00 -5.25
N ILE A 191 -16.98 24.79 -4.76
CA ILE A 191 -16.36 23.57 -5.25
C ILE A 191 -17.10 23.09 -6.51
N SER A 192 -16.37 22.85 -7.61
CA SER A 192 -16.95 22.21 -8.79
C SER A 192 -16.62 20.72 -8.91
N ILE A 193 -17.68 19.90 -8.98
CA ILE A 193 -17.55 18.47 -9.24
C ILE A 193 -18.29 18.14 -10.54
N ARG A 194 -17.63 17.37 -11.42
CA ARG A 194 -18.19 17.00 -12.72
C ARG A 194 -19.52 16.29 -12.55
N GLU A 195 -20.45 16.58 -13.48
CA GLU A 195 -21.77 15.96 -13.53
C GLU A 195 -21.72 14.45 -13.66
N ASP A 196 -20.66 13.93 -14.29
CA ASP A 196 -20.50 12.49 -14.50
C ASP A 196 -19.59 11.81 -13.48
N ALA A 197 -19.47 12.39 -12.28
CA ALA A 197 -18.62 11.81 -11.23
C ALA A 197 -19.38 11.11 -10.12
N GLY A 198 -18.90 9.93 -9.73
CA GLY A 198 -19.34 9.31 -8.50
C GLY A 198 -18.72 10.09 -7.35
N ILE A 199 -19.39 10.09 -6.21
CA ILE A 199 -18.91 10.87 -5.05
C ILE A 199 -18.82 9.98 -3.82
N GLY A 200 -17.62 9.90 -3.25
CA GLY A 200 -17.37 9.27 -1.97
C GLY A 200 -16.93 10.31 -0.95
N VAL A 201 -17.18 9.98 0.32
CA VAL A 201 -16.82 10.86 1.44
C VAL A 201 -15.88 10.10 2.35
N LYS A 202 -14.79 10.74 2.75
CA LYS A 202 -13.78 10.12 3.60
C LYS A 202 -13.74 10.83 4.97
N PRO A 203 -14.30 10.21 6.01
CA PRO A 203 -14.18 10.71 7.38
C PRO A 203 -13.03 10.03 8.17
N ILE A 204 -12.23 10.84 8.86
CA ILE A 204 -11.22 10.37 9.81
C ILE A 204 -11.32 11.23 11.09
N SER A 205 -11.53 10.56 12.23
CA SER A 205 -11.84 11.26 13.46
C SER A 205 -10.75 11.13 14.53
N ARG A 206 -10.68 12.14 15.40
CA ARG A 206 -9.79 12.18 16.56
C ARG A 206 -9.94 10.95 17.44
N PHE A 207 -11.18 10.64 17.80
CA PHE A 207 -11.53 9.55 18.71
C PHE A 207 -11.08 8.17 18.20
N ALA A 208 -11.39 7.86 16.95
CA ALA A 208 -11.06 6.55 16.40
C ALA A 208 -9.55 6.36 16.22
N THR A 209 -8.88 7.46 15.85
CA THR A 209 -7.44 7.47 15.65
C THR A 209 -6.69 7.27 17.00
N ARG A 210 -7.13 8.00 18.02
CA ARG A 210 -6.54 7.89 19.35
C ARG A 210 -6.65 6.48 19.93
N ARG A 211 -7.86 5.91 19.90
CA ARG A 211 -8.09 4.55 20.37
C ARG A 211 -7.10 3.58 19.70
N LEU A 212 -7.02 3.65 18.37
CA LEU A 212 -6.14 2.79 17.59
C LEU A 212 -4.68 2.91 17.98
N MET A 213 -4.16 4.13 17.95
CA MET A 213 -2.78 4.40 18.34
C MET A 213 -2.47 3.94 19.78
N GLU A 214 -3.44 4.12 20.68
CA GLU A 214 -3.28 3.72 22.09
C GLU A 214 -3.03 2.22 22.17
N ARG A 215 -3.87 1.44 21.50
CA ARG A 215 -3.70 -0.01 21.42
C ARG A 215 -2.37 -0.42 20.78
N ALA A 216 -1.94 0.34 19.78
CA ALA A 216 -0.70 0.05 19.11
C ALA A 216 0.47 0.28 20.06
N LEU A 217 0.41 1.36 20.81
CA LEU A 217 1.49 1.71 21.71
C LEU A 217 1.58 0.67 22.85
N GLU A 218 0.42 0.25 23.32
CA GLU A 218 0.32 -0.75 24.37
C GLU A 218 0.89 -2.10 23.92
N TRP A 219 0.65 -2.45 22.66
CA TRP A 219 1.27 -3.61 22.04
C TRP A 219 2.79 -3.47 21.96
N ALA A 220 3.24 -2.31 21.50
CA ALA A 220 4.68 -2.01 21.46
C ALA A 220 5.40 -2.16 22.82
N LEU A 221 4.75 -1.74 23.91
CA LEU A 221 5.32 -1.86 25.25
C LEU A 221 5.32 -3.33 25.67
N ARG A 222 4.19 -4.00 25.50
CA ARG A 222 4.08 -5.41 25.80
C ARG A 222 5.22 -6.21 25.14
N ASN A 223 5.31 -6.16 23.81
CA ASN A 223 6.19 -7.06 23.05
C ASN A 223 7.58 -6.59 22.79
N GLY A 224 7.95 -5.46 23.35
CA GLY A 224 9.33 -5.03 23.28
C GLY A 224 9.70 -4.42 21.95
N ASN A 225 8.69 -4.20 21.10
CA ASN A 225 8.85 -3.44 19.88
C ASN A 225 9.42 -2.09 20.16
N THR A 226 10.30 -1.63 19.28
CA THR A 226 11.08 -0.41 19.50
C THR A 226 10.78 0.71 18.47
N VAL A 227 9.90 0.43 17.52
CA VAL A 227 9.54 1.41 16.49
C VAL A 227 8.06 1.28 16.22
N VAL A 228 7.38 2.43 16.12
CA VAL A 228 5.96 2.51 15.74
C VAL A 228 5.86 3.58 14.66
N THR A 229 5.35 3.17 13.50
CA THR A 229 5.36 3.99 12.31
C THR A 229 3.95 4.33 11.84
N ILE A 230 3.68 5.62 11.69
CA ILE A 230 2.37 6.09 11.24
C ILE A 230 2.37 6.19 9.71
N MET A 231 1.49 5.43 9.07
CA MET A 231 1.42 5.44 7.61
C MET A 231 0.25 6.35 7.17
N HIS A 232 0.55 7.38 6.38
CA HIS A 232 -0.45 8.37 6.03
C HIS A 232 -0.10 9.03 4.72
N LYS A 233 -1.11 9.57 4.03
CA LYS A 233 -0.85 10.38 2.83
C LYS A 233 -1.30 11.81 3.14
N GLY A 234 -0.73 12.34 4.23
CA GLY A 234 -1.13 13.61 4.81
C GLY A 234 -0.64 14.83 4.06
N ASN A 235 0.25 14.64 3.10
CA ASN A 235 0.70 15.73 2.25
C ASN A 235 -0.40 16.16 1.28
N ILE A 236 -1.17 15.17 0.81
CA ILE A 236 -2.26 15.36 -0.16
C ILE A 236 -3.63 15.51 0.54
N MET A 237 -3.89 14.67 1.55
CA MET A 237 -5.14 14.69 2.28
C MET A 237 -4.86 15.26 3.66
N LYS A 238 -4.79 16.58 3.73
CA LYS A 238 -4.32 17.26 4.92
C LYS A 238 -5.18 17.03 6.15
N TYR A 239 -6.49 16.94 5.95
CA TYR A 239 -7.45 17.03 7.04
C TYR A 239 -8.07 15.70 7.44
N THR A 240 -7.71 14.63 6.70
CA THR A 240 -8.09 13.27 7.08
C THR A 240 -6.81 12.49 7.49
N GLU A 241 -5.97 12.14 6.52
CA GLU A 241 -4.72 11.45 6.77
C GLU A 241 -3.69 12.30 7.52
N GLY A 242 -3.60 13.59 7.18
CA GLY A 242 -2.73 14.49 7.90
C GLY A 242 -3.15 14.63 9.34
N ALA A 243 -4.47 14.77 9.54
CA ALA A 243 -5.00 14.82 10.90
C ALA A 243 -4.76 13.49 11.66
N PHE A 244 -4.91 12.36 10.97
CA PHE A 244 -4.65 11.04 11.57
C PHE A 244 -3.24 11.00 12.14
N MET A 245 -2.29 11.43 11.33
CA MET A 245 -0.89 11.49 11.71
C MET A 245 -0.69 12.37 12.93
N ARG A 246 -1.33 13.54 12.93
CA ARG A 246 -1.12 14.53 14.00
C ARG A 246 -1.73 13.99 15.29
N TRP A 247 -2.91 13.38 15.19
CA TRP A 247 -3.61 12.87 16.36
C TRP A 247 -2.89 11.67 16.95
N ALA A 248 -2.25 10.88 16.10
CA ALA A 248 -1.52 9.71 16.56
C ALA A 248 -0.25 10.11 17.31
N TYR A 249 0.48 11.08 16.76
CA TYR A 249 1.65 11.60 17.46
C TYR A 249 1.21 12.19 18.79
N GLU A 250 0.07 12.88 18.77
CA GLU A 250 -0.42 13.60 19.95
C GLU A 250 -0.69 12.68 21.15
N VAL A 251 -1.46 11.60 20.98
CA VAL A 251 -1.65 10.65 22.09
C VAL A 251 -0.38 9.93 22.52
N ALA A 252 0.54 9.69 21.61
CA ALA A 252 1.84 9.12 22.00
C ALA A 252 2.55 10.02 23.04
N LEU A 253 2.55 11.33 22.79
CA LEU A 253 3.19 12.27 23.71
C LEU A 253 2.36 12.53 24.96
N GLU A 254 1.05 12.46 24.83
CA GLU A 254 0.14 12.74 25.93
C GLU A 254 0.13 11.58 26.94
N LYS A 255 0.03 10.35 26.40
CA LYS A 255 -0.25 9.17 27.23
C LYS A 255 0.90 8.15 27.33
N PHE A 256 2.00 8.43 26.63
CA PHE A 256 3.16 7.54 26.60
C PHE A 256 4.51 8.28 26.59
N ARG A 257 4.50 9.55 27.01
CA ARG A 257 5.66 10.42 26.98
C ARG A 257 7.00 9.75 27.35
N GLU A 258 7.02 9.06 28.48
CA GLU A 258 8.28 8.61 29.11
C GLU A 258 8.84 7.41 28.39
N HIS A 259 7.93 6.69 27.74
CA HIS A 259 8.23 5.47 27.01
C HIS A 259 8.62 5.77 25.57
N VAL A 260 8.34 6.98 25.12
CA VAL A 260 8.35 7.29 23.69
C VAL A 260 9.30 8.42 23.29
N VAL A 261 9.87 8.28 22.10
CA VAL A 261 10.64 9.35 21.47
C VAL A 261 10.29 9.50 19.99
N THR A 262 10.34 10.72 19.50
CA THR A 262 9.87 11.07 18.17
C THR A 262 11.03 11.27 17.18
N GLU A 263 10.85 10.90 15.90
CA GLU A 263 11.92 11.03 14.91
C GLU A 263 12.38 12.47 14.72
N GLN A 264 11.45 13.41 14.92
CA GLN A 264 11.71 14.83 14.82
C GLN A 264 12.62 15.28 15.97
N GLU A 265 12.46 14.66 17.14
CA GLU A 265 13.29 14.92 18.31
C GLU A 265 14.69 14.36 18.12
N VAL A 266 14.76 13.22 17.45
CA VAL A 266 16.02 12.52 17.22
C VAL A 266 16.96 13.32 16.31
N GLN A 267 16.40 13.94 15.28
CA GLN A 267 17.16 14.75 14.34
C GLN A 267 17.42 16.15 14.88
N GLU A 268 16.54 16.64 15.78
CA GLU A 268 16.67 17.99 16.31
C GLU A 268 17.26 18.04 17.74
N LYS A 269 16.60 17.39 18.68
CA LYS A 269 17.03 17.37 20.09
C LYS A 269 18.22 16.44 20.36
N TYR A 270 18.34 15.35 19.59
CA TYR A 270 19.45 14.41 19.77
C TYR A 270 20.34 14.28 18.54
N GLY A 271 21.30 13.35 18.61
CA GLY A 271 22.39 13.32 17.64
C GLY A 271 22.07 12.58 16.36
N GLY A 272 20.83 12.11 16.27
CA GLY A 272 20.42 11.15 15.26
C GLY A 272 20.52 9.77 15.88
N VAL A 273 20.90 9.74 17.16
CA VAL A 273 21.21 8.50 17.87
C VAL A 273 20.13 8.12 18.90
N ARG A 274 18.94 7.73 18.40
CA ARG A 274 17.77 7.41 19.23
C ARG A 274 18.12 6.88 20.58
N PRO A 275 17.64 7.68 21.56
CA PRO A 275 17.91 7.39 23.01
C PRO A 275 17.57 5.98 23.42
N GLU A 276 18.44 5.24 24.09
CA GLU A 276 18.15 3.88 24.52
C GLU A 276 16.89 3.81 25.41
N GLY A 277 16.15 2.68 25.35
CA GLY A 277 14.93 2.38 26.09
C GLY A 277 13.65 2.75 25.35
N LYS A 278 13.66 3.98 24.82
CA LYS A 278 12.46 4.55 24.20
C LYS A 278 11.96 3.90 22.90
N ILE A 279 10.65 3.92 22.73
CA ILE A 279 10.06 3.48 21.48
C ILE A 279 10.15 4.65 20.51
N LEU A 280 10.75 4.41 19.35
CA LEU A 280 10.76 5.40 18.29
C LEU A 280 9.36 5.49 17.67
N VAL A 281 8.78 6.69 17.67
CA VAL A 281 7.52 6.94 16.99
C VAL A 281 7.80 7.83 15.80
N ASN A 282 7.63 7.27 14.60
CA ASN A 282 7.88 8.02 13.38
C ASN A 282 6.71 7.87 12.40
N ASP A 283 6.87 8.37 11.18
CA ASP A 283 5.79 8.39 10.23
C ASP A 283 6.35 8.33 8.81
N ARG A 284 5.63 7.67 7.92
CA ARG A 284 6.05 7.58 6.52
C ARG A 284 4.89 7.90 5.62
N ILE A 285 5.14 8.63 4.56
CA ILE A 285 4.08 8.90 3.62
C ILE A 285 3.76 7.56 2.94
N ALA A 286 2.47 7.31 2.76
CA ALA A 286 1.95 5.98 2.40
C ALA A 286 2.62 5.29 1.21
N ASP A 287 2.84 6.02 0.11
CA ASP A 287 3.53 5.44 -1.03
C ASP A 287 4.98 5.05 -0.68
N ASN A 288 5.72 5.97 -0.05
CA ASN A 288 7.05 5.59 0.46
C ASN A 288 7.00 4.41 1.42
N MET A 289 6.03 4.38 2.32
CA MET A 289 5.89 3.25 3.26
C MET A 289 5.84 1.88 2.54
N LEU A 290 5.11 1.83 1.44
CA LEU A 290 5.03 0.65 0.59
C LEU A 290 6.41 0.30 0.03
N GLN A 291 7.17 1.31 -0.44
CA GLN A 291 8.56 1.08 -0.83
C GLN A 291 9.43 0.63 0.34
N GLN A 292 9.28 1.27 1.49
CA GLN A 292 10.13 1.03 2.65
C GLN A 292 10.05 -0.41 3.17
N ILE A 293 8.85 -0.98 3.19
CA ILE A 293 8.73 -2.38 3.64
C ILE A 293 9.40 -3.36 2.68
N ILE A 294 9.55 -2.96 1.43
CA ILE A 294 10.23 -3.78 0.43
C ILE A 294 11.75 -3.52 0.41
N THR A 295 12.19 -2.28 0.55
CA THR A 295 13.64 -1.99 0.49
C THR A 295 14.33 -2.07 1.84
N ARG A 296 13.62 -1.75 2.91
CA ARG A 296 14.25 -1.69 4.24
C ARG A 296 13.37 -2.29 5.30
N PRO A 297 12.91 -3.53 5.15
CA PRO A 297 11.90 -4.07 6.05
C PRO A 297 12.35 -4.11 7.52
N TRP A 298 13.65 -4.30 7.74
CA TRP A 298 14.20 -4.44 9.08
C TRP A 298 14.06 -3.16 9.94
N ASP A 299 13.77 -2.03 9.30
CA ASP A 299 13.57 -0.78 10.03
C ASP A 299 12.16 -0.58 10.61
N TYR A 300 11.24 -1.51 10.34
CA TYR A 300 9.84 -1.31 10.72
C TYR A 300 9.31 -2.46 11.53
N GLN A 301 8.47 -2.13 12.50
CA GLN A 301 7.89 -3.13 13.37
C GLN A 301 6.39 -2.97 13.45
N VAL A 302 5.93 -2.07 14.32
CA VAL A 302 4.51 -1.75 14.43
C VAL A 302 4.17 -0.64 13.43
N ILE A 303 3.16 -0.87 12.59
CA ILE A 303 2.71 0.11 11.62
C ILE A 303 1.27 0.46 12.00
N VAL A 304 0.99 1.76 12.14
CA VAL A 304 -0.33 2.25 12.50
C VAL A 304 -0.92 2.96 11.28
N ALA A 305 -2.12 2.59 10.86
CA ALA A 305 -2.66 3.14 9.63
C ALA A 305 -4.18 3.29 9.65
N PRO A 306 -4.70 4.27 8.93
CA PRO A 306 -6.15 4.33 8.67
C PRO A 306 -6.59 3.15 7.86
N ASN A 307 -7.90 2.97 7.76
CA ASN A 307 -8.51 1.80 7.17
C ASN A 307 -7.88 1.34 5.81
N LEU A 308 -7.88 2.22 4.81
CA LEU A 308 -7.43 1.83 3.47
C LEU A 308 -5.93 1.53 3.42
N ASN A 309 -5.12 2.44 3.95
CA ASN A 309 -3.67 2.25 4.03
C ASN A 309 -3.30 0.94 4.74
N GLY A 310 -3.96 0.66 5.86
CA GLY A 310 -3.76 -0.57 6.61
C GLY A 310 -4.11 -1.80 5.81
N ASP A 311 -5.22 -1.76 5.09
CA ASP A 311 -5.59 -2.84 4.20
C ASP A 311 -4.48 -3.11 3.18
N TYR A 312 -4.03 -2.06 2.49
CA TYR A 312 -3.02 -2.26 1.45
C TYR A 312 -1.68 -2.76 2.03
N ILE A 313 -1.25 -2.18 3.14
CA ILE A 313 0.11 -2.45 3.62
C ILE A 313 0.24 -3.88 4.17
N SER A 314 -0.77 -4.35 4.91
CA SER A 314 -0.69 -5.70 5.46
C SER A 314 -0.74 -6.78 4.38
N ASP A 315 -1.53 -6.57 3.33
CA ASP A 315 -1.54 -7.52 2.23
C ASP A 315 -0.22 -7.57 1.43
N ALA A 316 0.37 -6.41 1.14
CA ALA A 316 1.67 -6.33 0.46
C ALA A 316 2.75 -7.00 1.33
N ALA A 317 2.74 -6.72 2.63
CA ALA A 317 3.71 -7.33 3.53
C ALA A 317 3.60 -8.86 3.54
N SER A 318 2.37 -9.39 3.64
CA SER A 318 2.12 -10.85 3.61
C SER A 318 2.60 -11.49 2.32
N ALA A 319 2.42 -10.79 1.19
CA ALA A 319 2.93 -11.32 -0.07
C ALA A 319 4.46 -11.41 -0.09
N LEU A 320 5.17 -10.45 0.51
CA LEU A 320 6.64 -10.52 0.57
C LEU A 320 7.14 -11.79 1.26
N VAL A 321 6.36 -12.26 2.21
CA VAL A 321 6.76 -13.28 3.16
C VAL A 321 6.24 -14.68 2.74
N GLY A 322 5.53 -14.71 1.61
CA GLY A 322 4.96 -15.94 1.11
C GLY A 322 3.90 -16.44 2.06
N GLY A 323 3.34 -15.52 2.85
CA GLY A 323 2.43 -15.89 3.92
C GLY A 323 0.95 -15.64 3.67
N ILE A 324 0.57 -15.46 2.41
CA ILE A 324 -0.83 -15.12 2.08
C ILE A 324 -1.86 -16.15 2.61
N GLY A 325 -1.67 -17.43 2.29
CA GLY A 325 -2.54 -18.41 2.91
C GLY A 325 -2.32 -18.69 4.39
N MET A 326 -1.28 -18.09 4.97
CA MET A 326 -0.83 -18.41 6.35
C MET A 326 -1.02 -17.26 7.35
N ALA A 327 -1.52 -16.13 6.87
CA ALA A 327 -1.68 -14.91 7.63
C ALA A 327 -2.74 -14.99 8.73
N ALA A 328 -2.29 -14.70 9.95
CA ALA A 328 -3.14 -14.63 11.14
C ALA A 328 -3.66 -13.22 11.31
N GLY A 329 -4.75 -13.08 12.06
CA GLY A 329 -5.31 -11.78 12.35
C GLY A 329 -6.21 -11.75 13.56
N MET A 330 -6.53 -10.53 13.97
CA MET A 330 -7.29 -10.34 15.18
C MET A 330 -8.01 -8.99 15.09
N ASN A 331 -9.28 -8.95 15.49
CA ASN A 331 -9.98 -7.69 15.68
C ASN A 331 -10.18 -7.42 17.18
N MET A 332 -9.72 -6.25 17.61
CA MET A 332 -9.65 -5.93 19.01
C MET A 332 -10.46 -4.67 19.33
N GLY A 333 -11.13 -4.69 20.47
CA GLY A 333 -11.78 -3.50 21.00
C GLY A 333 -11.24 -3.19 22.39
N ASP A 334 -12.01 -2.49 23.20
CA ASP A 334 -11.60 -2.19 24.56
C ASP A 334 -11.27 -3.42 25.44
N GLY A 335 -12.22 -4.18 25.91
CA GLY A 335 -11.70 -5.29 26.70
C GLY A 335 -11.72 -6.68 26.06
N ILE A 336 -11.53 -6.75 24.75
CA ILE A 336 -12.11 -7.80 23.93
C ILE A 336 -11.38 -8.03 22.60
N ALA A 337 -11.23 -9.29 22.22
CA ALA A 337 -10.54 -9.65 21.00
C ALA A 337 -11.08 -10.94 20.39
N VAL A 338 -11.14 -10.94 19.06
CA VAL A 338 -11.54 -12.08 18.26
C VAL A 338 -10.44 -12.32 17.23
N ALA A 339 -9.76 -13.46 17.32
CA ALA A 339 -8.72 -13.80 16.35
C ALA A 339 -9.29 -14.70 15.27
N GLU A 340 -8.80 -14.52 14.05
CA GLU A 340 -9.22 -15.33 12.91
C GLU A 340 -8.24 -15.17 11.76
N PRO A 341 -8.10 -16.17 10.91
CA PRO A 341 -7.19 -16.06 9.76
C PRO A 341 -7.68 -14.99 8.78
N VAL A 342 -6.73 -14.46 8.01
CA VAL A 342 -7.02 -13.60 6.88
C VAL A 342 -7.83 -14.36 5.81
N HIS A 343 -7.45 -15.60 5.53
CA HIS A 343 -8.10 -16.37 4.47
C HIS A 343 -9.61 -16.60 4.68
N GLY A 344 -10.30 -16.96 3.60
CA GLY A 344 -11.71 -17.25 3.63
C GLY A 344 -12.06 -18.71 3.84
N THR A 345 -13.24 -19.13 3.40
CA THR A 345 -13.74 -20.46 3.72
C THR A 345 -13.15 -21.57 2.85
N ALA A 346 -12.35 -21.17 1.85
CA ALA A 346 -11.75 -22.13 0.90
C ALA A 346 -12.66 -23.31 0.56
N PRO A 347 -13.85 -23.03 0.01
CA PRO A 347 -14.89 -24.07 -0.15
C PRO A 347 -14.48 -25.35 -0.93
N LYS A 348 -13.51 -25.27 -1.85
CA LYS A 348 -13.18 -26.47 -2.59
C LYS A 348 -12.30 -27.43 -1.81
N TYR A 349 -11.77 -26.97 -0.68
CA TYR A 349 -10.98 -27.81 0.21
C TYR A 349 -11.79 -28.35 1.39
N ALA A 350 -13.01 -27.87 1.54
CA ALA A 350 -13.80 -28.10 2.75
C ALA A 350 -14.07 -29.58 3.00
N GLY A 351 -13.67 -30.03 4.18
CA GLY A 351 -13.89 -31.40 4.56
C GLY A 351 -12.91 -32.37 3.95
N LYS A 352 -11.96 -31.85 3.17
CA LYS A 352 -11.04 -32.72 2.46
C LYS A 352 -9.77 -33.11 3.20
N ASP A 353 -9.54 -32.53 4.38
CA ASP A 353 -8.30 -32.79 5.12
C ASP A 353 -7.03 -32.37 4.34
N LEU A 354 -7.15 -31.30 3.58
CA LEU A 354 -6.06 -30.83 2.74
C LEU A 354 -5.60 -29.41 3.13
N ILE A 355 -6.51 -28.61 3.66
CA ILE A 355 -6.26 -27.20 3.98
C ILE A 355 -5.07 -26.99 4.96
N ASN A 356 -4.37 -25.86 4.81
CA ASN A 356 -3.33 -25.45 5.76
C ASN A 356 -3.94 -24.75 7.00
N PRO A 357 -3.78 -25.35 8.17
CA PRO A 357 -4.35 -24.82 9.41
C PRO A 357 -3.46 -23.81 10.13
N SER A 358 -2.31 -23.49 9.53
CA SER A 358 -1.33 -22.61 10.13
C SER A 358 -1.89 -21.20 10.44
N ALA A 359 -2.67 -20.64 9.53
CA ALA A 359 -3.22 -19.31 9.78
C ALA A 359 -4.11 -19.28 11.04
N GLU A 360 -4.92 -20.29 11.21
CA GLU A 360 -5.78 -20.40 12.37
C GLU A 360 -4.99 -20.70 13.66
N ILE A 361 -3.99 -21.55 13.56
CA ILE A 361 -3.11 -21.84 14.68
C ILE A 361 -2.40 -20.54 15.15
N LEU A 362 -1.95 -19.76 14.15
CA LEU A 362 -1.25 -18.51 14.39
C LEU A 362 -2.20 -17.42 14.90
N SER A 363 -3.48 -17.46 14.50
CA SER A 363 -4.47 -16.55 15.11
C SER A 363 -4.70 -16.86 16.58
N ALA A 364 -4.77 -18.16 16.93
CA ALA A 364 -4.84 -18.62 18.32
C ALA A 364 -3.59 -18.20 19.10
N SER A 365 -2.42 -18.38 18.49
CA SER A 365 -1.16 -17.99 19.09
C SER A 365 -1.10 -16.47 19.33
N LEU A 366 -1.65 -15.72 18.39
CA LEU A 366 -1.80 -14.27 18.51
C LEU A 366 -2.68 -13.91 19.73
N LEU A 367 -3.88 -14.51 19.76
CA LEU A 367 -4.84 -14.33 20.85
C LEU A 367 -4.23 -14.63 22.22
N ILE A 368 -3.74 -15.86 22.35
CA ILE A 368 -3.29 -16.41 23.63
C ILE A 368 -1.90 -15.93 23.99
N GLY A 369 -1.00 -16.00 23.02
CA GLY A 369 0.38 -15.63 23.24
C GLY A 369 0.57 -14.14 23.46
N GLU A 370 -0.10 -13.33 22.64
CA GLU A 370 0.21 -11.92 22.59
C GLU A 370 -0.85 -11.10 23.37
N PHE A 371 -2.15 -11.31 23.11
CA PHE A 371 -3.19 -10.53 23.77
C PHE A 371 -3.47 -10.99 25.18
N MET A 372 -3.41 -12.30 25.44
CA MET A 372 -3.64 -12.82 26.78
C MET A 372 -2.34 -12.93 27.61
N GLY A 373 -1.21 -12.58 27.01
CA GLY A 373 0.05 -12.54 27.74
C GLY A 373 0.77 -13.87 27.92
N TRP A 374 0.30 -14.95 27.28
CA TRP A 374 0.93 -16.27 27.49
C TRP A 374 2.06 -16.50 26.48
N ARG A 375 3.18 -15.83 26.72
CA ARG A 375 4.26 -15.68 25.75
C ARG A 375 4.79 -17.00 25.26
N GLU A 376 5.00 -17.90 26.21
CA GLU A 376 5.67 -19.17 25.94
C GLU A 376 4.90 -19.98 24.89
N VAL A 377 3.57 -19.81 24.87
CA VAL A 377 2.72 -20.51 23.89
C VAL A 377 3.02 -20.02 22.46
N LYS A 378 3.13 -18.69 22.29
CA LYS A 378 3.61 -18.12 21.03
C LYS A 378 4.97 -18.68 20.62
N SER A 379 5.95 -18.65 21.52
CA SER A 379 7.30 -19.11 21.20
C SER A 379 7.33 -20.55 20.75
N ILE A 380 6.67 -21.45 21.48
CA ILE A 380 6.71 -22.87 21.11
C ILE A 380 5.90 -23.24 19.84
N VAL A 381 4.80 -22.54 19.59
CA VAL A 381 4.00 -22.80 18.39
C VAL A 381 4.77 -22.36 17.13
N GLU A 382 5.34 -21.15 17.19
CA GLU A 382 6.18 -20.64 16.11
C GLU A 382 7.41 -21.50 15.91
N TYR A 383 8.00 -21.99 17.01
CA TYR A 383 9.09 -22.94 16.92
C TYR A 383 8.65 -24.19 16.13
N ALA A 384 7.46 -24.73 16.44
CA ALA A 384 7.01 -25.97 15.80
C ALA A 384 6.72 -25.77 14.31
N ILE A 385 6.09 -24.65 13.97
CA ILE A 385 5.77 -24.34 12.56
C ILE A 385 7.04 -24.14 11.73
N ARG A 386 8.04 -23.42 12.27
CA ARG A 386 9.32 -23.26 11.59
C ARG A 386 10.02 -24.59 11.39
N LYS A 387 9.95 -25.46 12.39
CA LYS A 387 10.58 -26.76 12.28
C LYS A 387 9.89 -27.61 11.22
N ALA A 388 8.56 -27.53 11.13
CA ALA A 388 7.80 -28.28 10.13
C ALA A 388 8.20 -27.86 8.73
N VAL A 389 8.29 -26.55 8.52
CA VAL A 389 8.67 -26.00 7.23
C VAL A 389 10.10 -26.37 6.88
N GLN A 390 11.00 -26.31 7.85
CA GLN A 390 12.40 -26.66 7.64
C GLN A 390 12.51 -28.14 7.29
N SER A 391 11.68 -28.95 7.94
CA SER A 391 11.66 -30.40 7.73
C SER A 391 10.89 -30.78 6.47
N LYS A 392 10.22 -29.81 5.85
CA LYS A 392 9.35 -30.07 4.69
C LYS A 392 8.22 -31.05 5.06
N LYS A 393 7.71 -30.89 6.29
CA LYS A 393 6.53 -31.60 6.73
C LYS A 393 5.38 -30.60 6.72
N VAL A 394 4.70 -30.51 5.57
CA VAL A 394 3.79 -29.40 5.30
C VAL A 394 2.65 -29.83 4.40
N THR A 395 1.62 -29.00 4.41
CA THR A 395 0.44 -29.21 3.59
C THR A 395 0.69 -28.75 2.17
N GLN A 396 -0.23 -29.11 1.30
CA GLN A 396 0.00 -29.06 -0.13
C GLN A 396 0.30 -27.68 -0.68
N ASP A 397 -0.31 -26.65 -0.10
CA ASP A 397 -0.07 -25.27 -0.51
C ASP A 397 1.42 -24.87 -0.42
N LEU A 398 2.12 -25.40 0.59
CA LEU A 398 3.54 -25.15 0.72
C LEU A 398 4.38 -26.19 -0.04
N ALA A 399 3.95 -27.46 0.04
CA ALA A 399 4.63 -28.58 -0.65
C ALA A 399 4.72 -28.45 -2.18
N ARG A 400 3.76 -27.74 -2.77
CA ARG A 400 3.68 -27.51 -4.21
C ARG A 400 4.84 -26.64 -4.67
N HIS A 401 5.48 -25.96 -3.74
CA HIS A 401 6.61 -25.10 -4.09
C HIS A 401 7.92 -25.79 -3.65
N MET A 402 7.82 -27.07 -3.29
CA MET A 402 8.96 -27.87 -2.85
C MET A 402 9.04 -29.17 -3.68
N PRO A 403 9.80 -29.14 -4.78
CA PRO A 403 9.86 -30.28 -5.70
C PRO A 403 10.08 -31.62 -5.03
N GLY A 404 9.24 -32.60 -5.35
CA GLY A 404 9.34 -33.94 -4.81
C GLY A 404 8.75 -34.18 -3.42
N VAL A 405 8.30 -33.12 -2.75
CA VAL A 405 7.80 -33.27 -1.38
C VAL A 405 6.37 -33.83 -1.33
N GLN A 406 6.20 -34.94 -0.62
CA GLN A 406 4.87 -35.50 -0.38
C GLN A 406 4.12 -34.64 0.67
N PRO A 407 3.02 -34.01 0.27
CA PRO A 407 2.27 -33.15 1.18
C PRO A 407 1.60 -33.95 2.30
N LEU A 408 1.48 -33.32 3.46
CA LEU A 408 0.76 -33.90 4.58
C LEU A 408 -0.68 -33.44 4.48
N ARG A 409 -1.59 -34.30 4.94
CA ARG A 409 -2.96 -33.89 5.19
C ARG A 409 -3.00 -32.94 6.39
N THR A 410 -4.08 -32.17 6.49
CA THR A 410 -4.28 -31.30 7.65
C THR A 410 -4.00 -32.03 8.96
N SER A 411 -4.64 -33.18 9.16
CA SER A 411 -4.52 -33.98 10.39
C SER A 411 -3.10 -34.44 10.66
N GLU A 412 -2.35 -34.74 9.60
CA GLU A 412 -0.98 -35.20 9.76
C GLU A 412 -0.06 -34.05 10.15
N TYR A 413 -0.33 -32.87 9.59
CA TYR A 413 0.45 -31.67 9.87
C TYR A 413 0.20 -31.25 11.32
N THR A 414 -1.06 -31.25 11.73
CA THR A 414 -1.44 -31.07 13.13
C THR A 414 -0.66 -32.00 14.07
N GLU A 415 -0.58 -33.29 13.76
CA GLU A 415 0.09 -34.22 14.67
C GLU A 415 1.61 -34.04 14.65
N THR A 416 2.14 -33.60 13.52
CA THR A 416 3.55 -33.28 13.41
C THR A 416 3.90 -32.10 14.33
N LEU A 417 3.06 -31.06 14.32
CA LEU A 417 3.28 -29.90 15.17
C LEU A 417 3.27 -30.28 16.63
N ILE A 418 2.31 -31.14 17.01
CA ILE A 418 2.13 -31.63 18.39
C ILE A 418 3.41 -32.38 18.82
N ALA A 419 3.94 -33.22 17.93
CA ALA A 419 5.15 -34.00 18.26
C ALA A 419 6.37 -33.10 18.43
N TYR A 420 6.49 -32.06 17.61
CA TYR A 420 7.55 -31.04 17.79
C TYR A 420 7.40 -30.27 19.11
N ILE A 421 6.17 -29.90 19.45
CA ILE A 421 5.91 -29.28 20.74
C ILE A 421 6.26 -30.22 21.88
N ASP A 422 5.76 -31.45 21.82
CA ASP A 422 5.95 -32.42 22.91
C ASP A 422 7.41 -32.79 23.15
N GLU A 423 8.21 -32.75 22.09
CA GLU A 423 9.59 -33.25 22.16
C GLU A 423 10.57 -32.09 22.27
N ALA A 424 10.04 -30.86 22.30
CA ALA A 424 10.88 -29.66 22.32
C ALA A 424 11.83 -29.61 23.52
N ASP A 425 12.93 -28.90 23.32
CA ASP A 425 13.92 -28.64 24.36
C ASP A 425 13.66 -27.20 24.80
N LEU A 426 12.99 -27.05 25.93
CA LEU A 426 12.53 -25.72 26.37
C LEU A 426 13.66 -24.81 26.84
N ASN A 427 14.77 -25.42 27.27
CA ASN A 427 16.01 -24.69 27.57
C ASN A 427 16.43 -23.82 26.40
N GLU A 428 16.40 -24.38 25.19
CA GLU A 428 16.68 -23.66 23.95
C GLU A 428 15.51 -22.80 23.49
N VAL A 429 14.34 -23.43 23.37
CA VAL A 429 13.17 -22.80 22.74
C VAL A 429 12.64 -21.60 23.51
N LEU A 430 12.81 -21.60 24.82
CA LEU A 430 12.30 -20.50 25.63
C LEU A 430 13.38 -19.57 26.22
N ALA A 431 14.61 -19.72 25.75
CA ALA A 431 15.70 -18.84 26.19
C ALA A 431 15.37 -17.38 25.85
N GLY A 432 15.34 -16.52 26.87
CA GLY A 432 14.87 -15.15 26.74
C GLY A 432 13.37 -14.99 26.53
N LYS A 433 12.67 -16.10 26.30
CA LYS A 433 11.26 -16.05 25.90
C LYS A 433 10.23 -16.54 26.94
N ARG A 434 10.62 -16.56 28.21
CA ARG A 434 9.70 -16.93 29.29
C ARG A 434 9.35 -15.74 30.21
N GLY A 435 8.26 -15.88 30.96
CA GLY A 435 7.81 -14.88 31.91
C GLY A 435 7.07 -13.69 31.29
N SER B 6 19.30 34.59 -16.46
CA SER B 6 18.46 34.82 -15.25
C SER B 6 17.03 34.29 -15.43
N PRO B 7 16.59 33.37 -14.56
CA PRO B 7 15.30 32.69 -14.75
C PRO B 7 14.08 33.62 -14.49
N PRO B 8 13.00 33.41 -15.26
CA PRO B 8 11.85 34.33 -15.27
C PRO B 8 10.96 34.26 -14.03
N CYS B 9 10.68 35.43 -13.44
CA CYS B 9 9.82 35.53 -12.27
C CYS B 9 8.35 35.86 -12.60
N THR B 10 8.13 36.46 -13.81
CA THR B 10 6.80 36.95 -14.17
C THR B 10 6.47 36.59 -15.62
N THR B 11 5.18 36.74 -15.97
CA THR B 11 4.69 36.72 -17.37
C THR B 11 5.38 37.77 -18.28
N GLU B 12 5.82 38.88 -17.69
CA GLU B 12 6.56 39.93 -18.42
C GLU B 12 7.93 39.43 -18.90
N GLU B 13 8.57 38.62 -18.07
CA GLU B 13 9.83 38.01 -18.41
C GLU B 13 9.59 36.84 -19.32
N LEU B 14 9.32 37.16 -20.54
CA LEU B 14 9.04 36.19 -21.52
C LEU B 14 10.28 36.05 -22.34
N SER B 15 10.81 34.83 -22.46
CA SER B 15 12.05 34.82 -23.27
C SER B 15 12.58 33.43 -23.63
N PRO B 16 12.15 32.89 -24.80
CA PRO B 16 12.75 31.57 -25.12
C PRO B 16 14.26 31.70 -25.15
N PRO B 17 15.06 30.69 -24.73
CA PRO B 17 16.54 30.87 -24.83
C PRO B 17 16.96 31.37 -26.23
N PRO B 18 18.19 31.92 -26.33
CA PRO B 18 18.65 32.61 -27.55
C PRO B 18 18.54 31.79 -28.84
N GLY B 19 19.31 30.71 -28.93
CA GLY B 19 19.44 29.97 -30.18
C GLY B 19 18.57 28.72 -30.25
N GLY B 20 17.27 28.89 -30.11
CA GLY B 20 16.33 27.77 -30.14
C GLY B 20 14.90 28.11 -30.56
N SER B 21 14.39 27.33 -31.50
CA SER B 21 12.97 27.36 -31.85
C SER B 21 12.19 26.54 -30.82
N LEU B 22 10.89 26.82 -30.72
CA LEU B 22 10.03 26.15 -29.75
C LEU B 22 9.38 24.91 -30.36
N VAL B 23 9.19 23.89 -29.52
CA VAL B 23 8.41 22.72 -29.90
C VAL B 23 6.96 23.17 -30.18
N GLU B 24 6.33 22.56 -31.18
CA GLU B 24 4.98 22.97 -31.60
C GLU B 24 4.00 21.81 -31.61
N TYR B 25 2.71 22.13 -31.53
CA TYR B 25 1.64 21.14 -31.50
C TYR B 25 0.42 21.61 -32.27
N SER B 26 0.05 20.87 -33.31
CA SER B 26 -1.06 21.23 -34.18
C SER B 26 -1.60 20.04 -34.97
N GLY B 27 -2.91 20.04 -35.19
CA GLY B 27 -3.60 19.03 -35.98
C GLY B 27 -3.51 17.60 -35.45
N GLY B 28 -3.05 17.45 -34.21
CA GLY B 28 -2.78 16.14 -33.62
C GLY B 28 -1.29 15.86 -33.51
N SER B 29 -0.54 16.18 -34.57
CA SER B 29 0.90 15.91 -34.63
C SER B 29 1.74 16.89 -33.82
N LEU B 30 2.96 16.48 -33.52
CA LEU B 30 3.95 17.30 -32.81
C LEU B 30 5.21 17.48 -33.66
N ARG B 31 5.78 18.69 -33.64
CA ARG B 31 6.97 19.01 -34.44
C ARG B 31 8.19 19.37 -33.57
N VAL B 32 9.22 18.52 -33.62
CA VAL B 32 10.45 18.71 -32.85
C VAL B 32 11.58 19.14 -33.79
N PRO B 33 12.01 20.40 -33.67
CA PRO B 33 12.77 21.07 -34.73
C PRO B 33 14.26 20.72 -34.79
N ASP B 34 14.70 19.73 -34.02
CA ASP B 34 16.12 19.41 -33.82
C ASP B 34 16.89 20.60 -33.20
N ASN B 35 16.14 21.68 -32.97
CA ASN B 35 16.61 22.88 -32.27
C ASN B 35 15.61 23.26 -31.15
N PRO B 36 15.20 22.30 -30.32
CA PRO B 36 14.05 22.50 -29.42
C PRO B 36 14.40 23.18 -28.09
N VAL B 37 13.48 24.02 -27.62
CA VAL B 37 13.56 24.56 -26.27
C VAL B 37 12.85 23.59 -25.34
N VAL B 38 13.56 23.16 -24.29
CA VAL B 38 13.00 22.30 -23.25
C VAL B 38 13.19 22.97 -21.89
N ALA B 39 12.09 23.16 -21.16
CA ALA B 39 12.14 23.87 -19.87
C ALA B 39 12.69 22.96 -18.78
N PHE B 40 13.42 23.53 -17.83
CA PHE B 40 13.86 22.74 -16.67
C PHE B 40 13.70 23.43 -15.31
N ILE B 41 13.18 22.67 -14.35
CA ILE B 41 13.05 23.12 -12.97
C ILE B 41 13.92 22.25 -12.07
N ARG B 42 14.88 22.88 -11.38
CA ARG B 42 15.78 22.17 -10.47
C ARG B 42 15.06 21.51 -9.29
N GLY B 43 14.03 22.17 -8.76
CA GLY B 43 13.24 21.61 -7.67
C GLY B 43 13.84 21.75 -6.29
N ASP B 44 13.45 20.83 -5.39
CA ASP B 44 13.81 20.89 -3.97
C ASP B 44 14.63 19.71 -3.48
N GLY B 45 15.44 19.95 -2.45
CA GLY B 45 16.20 18.91 -1.77
C GLY B 45 17.24 18.31 -2.69
N VAL B 46 17.09 17.02 -3.00
CA VAL B 46 17.99 16.33 -3.94
C VAL B 46 17.78 16.75 -5.40
N GLY B 47 16.67 17.43 -5.67
CA GLY B 47 16.30 17.91 -6.99
C GLY B 47 17.42 18.56 -7.81
N PRO B 48 17.96 19.69 -7.35
CA PRO B 48 19.04 20.36 -8.08
C PRO B 48 20.17 19.38 -8.44
N GLU B 49 20.58 18.56 -7.48
CA GLU B 49 21.62 17.55 -7.70
C GLU B 49 21.32 16.64 -8.91
N VAL B 50 20.12 16.06 -8.95
CA VAL B 50 19.75 15.08 -9.99
C VAL B 50 19.41 15.71 -11.35
N VAL B 51 18.82 16.90 -11.33
CA VAL B 51 18.54 17.66 -12.57
C VAL B 51 19.85 18.08 -13.24
N GLU B 52 20.85 18.40 -12.42
CA GLU B 52 22.17 18.77 -12.92
C GLU B 52 22.88 17.59 -13.61
N SER B 53 22.56 16.37 -13.19
CA SER B 53 23.06 15.17 -13.86
C SER B 53 22.36 15.00 -15.21
N ALA B 54 21.03 15.09 -15.17
CA ALA B 54 20.16 14.84 -16.31
C ALA B 54 20.57 15.55 -17.62
N LEU B 55 20.79 16.85 -17.53
CA LEU B 55 21.08 17.69 -18.70
C LEU B 55 22.47 17.38 -19.27
N LYS B 56 23.47 17.45 -18.38
CA LYS B 56 24.81 16.93 -18.62
C LYS B 56 24.78 15.57 -19.34
N VAL B 57 24.06 14.60 -18.78
CA VAL B 57 23.97 13.24 -19.34
C VAL B 57 23.30 13.20 -20.73
N VAL B 58 22.13 13.83 -20.86
CA VAL B 58 21.45 13.86 -22.16
C VAL B 58 22.19 14.76 -23.17
N ASP B 59 22.91 15.76 -22.68
CA ASP B 59 23.68 16.66 -23.56
C ASP B 59 24.82 15.90 -24.24
N ALA B 60 25.31 14.86 -23.56
CA ALA B 60 26.27 13.93 -24.14
C ALA B 60 25.60 12.93 -25.08
N ALA B 61 24.36 12.56 -24.76
CA ALA B 61 23.63 11.57 -25.57
C ALA B 61 23.18 12.14 -26.93
N VAL B 62 22.58 13.34 -26.89
CA VAL B 62 22.11 14.01 -28.11
C VAL B 62 23.26 14.36 -29.06
N LYS B 63 24.46 14.54 -28.50
CA LYS B 63 25.67 14.80 -29.27
C LYS B 63 26.09 13.60 -30.13
N LYS B 64 25.64 12.40 -29.73
CA LYS B 64 25.89 11.16 -30.46
C LYS B 64 24.64 10.71 -31.21
N VAL B 65 24.79 10.44 -32.51
CA VAL B 65 23.70 10.12 -33.43
C VAL B 65 22.69 11.28 -33.51
N GLY B 68 24.48 15.11 -33.79
CA GLY B 68 24.91 16.28 -34.53
C GLY B 68 23.71 17.18 -34.94
N SER B 69 22.83 16.68 -35.85
CA SER B 69 21.67 17.43 -36.36
C SER B 69 20.88 18.15 -35.25
N ARG B 70 21.11 17.72 -34.00
CA ARG B 70 20.34 18.26 -32.88
C ARG B 70 21.10 18.76 -31.69
N ARG B 71 20.39 19.44 -30.79
CA ARG B 71 20.94 19.94 -29.53
C ARG B 71 19.85 20.64 -28.68
N ILE B 72 19.76 20.31 -27.40
CA ILE B 72 18.78 20.90 -26.51
C ILE B 72 19.30 22.23 -25.96
N VAL B 73 18.47 23.27 -26.07
CA VAL B 73 18.71 24.52 -25.35
C VAL B 73 17.83 24.58 -24.10
N TRP B 74 18.46 24.32 -22.95
CA TRP B 74 17.77 24.28 -21.67
C TRP B 74 17.37 25.67 -21.18
N TRP B 75 16.15 25.77 -20.68
CA TRP B 75 15.56 27.04 -20.28
C TRP B 75 15.05 26.95 -18.85
N GLU B 76 15.77 27.57 -17.91
CA GLU B 76 15.49 27.35 -16.50
C GLU B 76 14.26 28.10 -16.00
N LEU B 77 13.29 27.36 -15.45
CA LEU B 77 12.13 27.97 -14.81
C LEU B 77 12.15 27.67 -13.32
N LEU B 78 11.53 28.55 -12.53
CA LEU B 78 11.58 28.48 -11.07
C LEU B 78 10.30 27.97 -10.37
N ALA B 79 10.46 26.94 -9.54
CA ALA B 79 9.40 26.50 -8.62
C ALA B 79 10.05 25.92 -7.36
N GLY B 80 9.36 26.09 -6.22
CA GLY B 80 9.88 25.64 -4.94
C GLY B 80 10.77 26.69 -4.32
N HIS B 81 11.81 26.24 -3.59
CA HIS B 81 12.70 27.15 -2.85
C HIS B 81 13.38 28.23 -3.70
N LEU B 82 13.74 27.90 -4.94
CA LEU B 82 14.45 28.84 -5.83
C LEU B 82 13.53 29.95 -6.36
N ALA B 83 12.26 29.60 -6.60
CA ALA B 83 11.22 30.59 -6.90
C ALA B 83 10.96 31.48 -5.68
N ARG B 84 11.04 30.87 -4.50
CA ARG B 84 10.82 31.58 -3.24
C ARG B 84 11.98 32.51 -2.87
N GLU B 85 13.20 32.12 -3.24
CA GLU B 85 14.38 32.94 -2.98
C GLU B 85 14.49 34.12 -3.95
N LYS B 86 13.93 33.95 -5.15
CA LYS B 86 14.05 34.95 -6.22
C LYS B 86 12.79 35.78 -6.47
N CYS B 87 11.62 35.12 -6.48
CA CYS B 87 10.36 35.78 -6.85
C CYS B 87 9.44 36.08 -5.66
N GLY B 88 9.73 35.43 -4.53
CA GLY B 88 8.94 35.62 -3.31
C GLY B 88 7.61 34.89 -3.30
N GLU B 89 7.53 33.82 -4.08
CA GLU B 89 6.35 32.95 -4.14
C GLU B 89 6.77 31.57 -4.65
N LEU B 90 5.93 30.55 -4.46
CA LEU B 90 6.34 29.17 -4.75
C LEU B 90 6.18 28.69 -6.19
N LEU B 91 5.10 29.09 -6.85
CA LEU B 91 4.83 28.64 -8.21
C LEU B 91 4.33 29.79 -9.07
N PRO B 92 5.27 30.54 -9.65
CA PRO B 92 4.94 31.67 -10.53
C PRO B 92 4.00 31.29 -11.68
N LYS B 93 3.08 32.20 -11.99
CA LYS B 93 2.24 32.08 -13.19
C LYS B 93 3.13 31.78 -14.41
N ALA B 94 4.28 32.47 -14.46
CA ALA B 94 5.24 32.39 -15.56
C ALA B 94 5.81 30.98 -15.74
N THR B 95 6.17 30.33 -14.63
CA THR B 95 6.71 28.97 -14.70
C THR B 95 5.73 28.04 -15.42
N LEU B 96 4.45 28.14 -15.05
CA LEU B 96 3.38 27.42 -15.70
C LEU B 96 3.20 27.86 -17.15
N GLU B 97 3.31 29.17 -17.39
CA GLU B 97 3.20 29.68 -18.75
C GLU B 97 4.36 29.15 -19.62
N GLY B 98 5.57 29.25 -19.08
CA GLY B 98 6.80 28.85 -19.76
C GLY B 98 6.88 27.39 -20.18
N ILE B 99 6.31 26.50 -19.37
CA ILE B 99 6.16 25.10 -19.76
C ILE B 99 5.11 24.95 -20.87
N ARG B 100 4.05 25.74 -20.78
CA ARG B 100 2.94 25.72 -21.73
C ARG B 100 3.40 26.28 -23.08
N LEU B 101 4.54 26.96 -23.05
CA LEU B 101 5.10 27.60 -24.24
C LEU B 101 6.17 26.71 -24.88
N ALA B 102 7.02 26.12 -24.03
CA ALA B 102 8.04 25.20 -24.49
C ALA B 102 7.45 23.83 -24.88
N ARG B 103 6.27 23.53 -24.34
CA ARG B 103 5.51 22.28 -24.56
C ARG B 103 6.13 21.04 -23.90
N VAL B 104 7.42 21.11 -23.60
CA VAL B 104 8.14 20.00 -23.01
C VAL B 104 9.08 20.53 -21.93
N ALA B 105 9.14 19.77 -20.84
CA ALA B 105 9.92 20.17 -19.68
C ALA B 105 10.48 18.97 -18.92
N LEU B 106 11.54 19.22 -18.16
CA LEU B 106 12.06 18.24 -17.22
C LEU B 106 12.09 18.92 -15.87
N LYS B 107 11.48 18.28 -14.87
CA LYS B 107 11.49 18.82 -13.51
C LYS B 107 12.03 17.84 -12.49
N GLY B 108 12.69 18.37 -11.46
CA GLY B 108 13.03 17.59 -10.29
C GLY B 108 11.88 17.61 -9.29
N PRO B 109 12.03 16.88 -8.20
CA PRO B 109 11.03 16.83 -7.12
C PRO B 109 10.81 18.19 -6.41
N LEU B 110 9.56 18.47 -6.06
CA LEU B 110 9.22 19.64 -5.25
C LEU B 110 8.71 19.27 -3.86
N GLU B 111 9.16 20.00 -2.84
CA GLU B 111 8.75 19.76 -1.45
C GLU B 111 7.26 20.05 -1.19
N THR B 112 6.56 19.13 -0.51
CA THR B 112 5.20 19.33 0.02
C THR B 112 5.16 19.04 1.54
N PRO B 113 4.75 20.04 2.33
CA PRO B 113 4.62 19.87 3.79
C PRO B 113 3.44 18.97 4.17
N VAL B 114 3.54 18.32 5.31
CA VAL B 114 2.54 17.34 5.73
C VAL B 114 1.62 17.88 6.83
N GLY B 115 0.31 17.71 6.60
CA GLY B 115 -0.71 18.14 7.53
C GLY B 115 -0.94 19.64 7.53
N THR B 116 0.14 20.40 7.34
CA THR B 116 0.11 21.86 7.33
C THR B 116 0.58 22.37 5.97
N GLY B 117 0.61 23.70 5.86
CA GLY B 117 1.26 24.36 4.75
C GLY B 117 0.55 24.24 3.42
N TYR B 118 1.29 24.53 2.36
CA TYR B 118 0.75 24.63 1.01
C TYR B 118 0.49 23.28 0.33
N ARG B 119 -0.48 23.29 -0.59
CA ARG B 119 -0.84 22.14 -1.41
C ARG B 119 0.27 21.77 -2.39
N SER B 120 0.35 20.49 -2.76
CA SER B 120 1.45 20.01 -3.60
C SER B 120 1.65 20.79 -4.90
N LEU B 121 2.84 21.35 -5.05
CA LEU B 121 3.20 22.07 -6.29
C LEU B 121 3.33 21.12 -7.49
N ASN B 122 3.69 19.86 -7.23
CA ASN B 122 3.73 18.84 -8.27
C ASN B 122 2.32 18.58 -8.82
N VAL B 123 1.36 18.49 -7.89
CA VAL B 123 -0.05 18.34 -8.25
C VAL B 123 -0.62 19.61 -8.93
N ALA B 124 -0.22 20.79 -8.47
CA ALA B 124 -0.71 22.03 -9.07
C ALA B 124 -0.27 22.11 -10.52
N ILE B 125 0.97 21.68 -10.78
CA ILE B 125 1.52 21.68 -12.14
C ILE B 125 0.72 20.73 -13.04
N ARG B 126 0.55 19.49 -12.57
CA ARG B 126 -0.27 18.47 -13.26
C ARG B 126 -1.72 18.90 -13.51
N GLN B 127 -2.31 19.59 -12.53
CA GLN B 127 -3.70 20.01 -12.63
C GLN B 127 -3.86 21.27 -13.47
N ALA B 128 -2.98 22.26 -13.26
CA ALA B 128 -3.02 23.49 -14.07
C ALA B 128 -2.71 23.23 -15.54
N LEU B 129 -1.76 22.35 -15.80
CA LEU B 129 -1.37 22.09 -17.19
C LEU B 129 -2.13 20.94 -17.83
N ASP B 130 -3.08 20.35 -17.09
CA ASP B 130 -3.90 19.24 -17.59
C ASP B 130 -3.11 17.99 -18.05
N LEU B 131 -2.00 17.71 -17.38
CA LEU B 131 -1.21 16.53 -17.66
C LEU B 131 -1.87 15.30 -17.02
N TYR B 132 -2.90 14.79 -17.70
CA TYR B 132 -3.86 13.87 -17.12
C TYR B 132 -3.42 12.39 -16.98
N ALA B 133 -2.33 12.04 -17.64
CA ALA B 133 -1.82 10.68 -17.64
C ALA B 133 -0.42 10.69 -17.04
N ASN B 134 -0.24 9.95 -15.96
CA ASN B 134 1.06 9.85 -15.31
C ASN B 134 1.65 8.51 -15.70
N ILE B 135 2.66 8.51 -16.59
CA ILE B 135 3.16 7.26 -17.17
C ILE B 135 4.46 6.89 -16.48
N ARG B 136 4.42 5.78 -15.76
CA ARG B 136 5.57 5.39 -14.97
C ARG B 136 5.97 3.96 -15.33
N PRO B 137 6.95 3.84 -16.22
CA PRO B 137 7.50 2.53 -16.58
C PRO B 137 8.30 1.94 -15.44
N VAL B 138 8.15 0.64 -15.24
CA VAL B 138 8.88 -0.08 -14.21
C VAL B 138 9.73 -1.15 -14.87
N ARG B 139 11.05 -0.97 -14.85
CA ARG B 139 11.94 -1.80 -15.67
C ARG B 139 13.12 -2.31 -14.86
N TYR B 140 13.58 -3.50 -15.23
CA TYR B 140 14.77 -4.07 -14.59
C TYR B 140 15.96 -3.84 -15.51
N TYR B 141 17.05 -3.33 -14.95
CA TYR B 141 18.26 -3.08 -15.71
C TYR B 141 19.48 -3.83 -15.14
N GLY B 142 19.24 -4.78 -14.24
CA GLY B 142 20.30 -5.61 -13.69
C GLY B 142 20.77 -5.18 -12.31
N GLN B 143 20.23 -4.07 -11.83
CA GLN B 143 20.58 -3.50 -10.53
C GLN B 143 20.34 -4.52 -9.41
N PRO B 144 21.12 -4.45 -8.33
CA PRO B 144 20.77 -5.19 -7.11
C PRO B 144 19.34 -4.82 -6.70
N ALA B 145 18.53 -5.84 -6.40
CA ALA B 145 17.11 -5.65 -6.16
C ALA B 145 16.59 -6.60 -5.07
N PRO B 146 15.59 -6.18 -4.29
CA PRO B 146 15.05 -6.98 -3.18
C PRO B 146 14.13 -8.13 -3.61
N HIS B 147 13.57 -8.06 -4.81
CA HIS B 147 12.70 -9.11 -5.31
C HIS B 147 13.50 -10.18 -6.05
N LYS B 148 13.30 -11.44 -5.66
CA LYS B 148 13.98 -12.57 -6.28
C LYS B 148 13.73 -12.66 -7.79
N TYR B 149 12.59 -12.13 -8.24
CA TYR B 149 12.21 -12.22 -9.64
C TYR B 149 11.97 -10.81 -10.22
N ALA B 150 12.81 -9.87 -9.77
CA ALA B 150 12.81 -8.50 -10.24
C ALA B 150 12.93 -8.45 -11.76
N ASP B 151 13.70 -9.37 -12.35
CA ASP B 151 13.86 -9.42 -13.79
C ASP B 151 12.60 -9.83 -14.53
N ARG B 152 11.57 -10.18 -13.78
CA ARG B 152 10.28 -10.51 -14.37
C ARG B 152 9.29 -9.34 -14.32
N VAL B 153 9.69 -8.23 -13.69
CA VAL B 153 8.88 -7.02 -13.66
C VAL B 153 9.19 -6.19 -14.90
N ASP B 154 8.18 -5.98 -15.73
CA ASP B 154 8.27 -5.13 -16.89
C ASP B 154 6.88 -4.58 -17.05
N MET B 155 6.67 -3.38 -16.50
CA MET B 155 5.33 -2.84 -16.36
C MET B 155 5.31 -1.39 -16.76
N VAL B 156 4.11 -0.89 -17.02
CA VAL B 156 3.86 0.52 -17.23
C VAL B 156 2.59 0.86 -16.46
N ILE B 157 2.67 1.87 -15.58
CA ILE B 157 1.49 2.33 -14.84
C ILE B 157 0.89 3.56 -15.48
N PHE B 158 -0.39 3.44 -15.82
CA PHE B 158 -1.15 4.58 -16.31
C PHE B 158 -2.00 5.03 -15.17
N ARG B 159 -1.56 6.11 -14.53
CA ARG B 159 -2.17 6.61 -13.31
C ARG B 159 -2.95 7.88 -13.66
N GLU B 160 -4.25 7.86 -13.36
CA GLU B 160 -5.09 9.02 -13.57
C GLU B 160 -4.54 10.16 -12.73
N ASN B 161 -4.36 11.32 -13.35
CA ASN B 161 -3.54 12.40 -12.78
C ASN B 161 -4.27 13.67 -12.34
N THR B 162 -5.61 13.68 -12.25
CA THR B 162 -6.32 14.93 -11.97
C THR B 162 -7.36 14.92 -10.85
N GLU B 163 -7.98 13.77 -10.59
CA GLU B 163 -9.08 13.71 -9.63
C GLU B 163 -8.82 12.69 -8.52
N ASP B 164 -9.85 12.00 -8.04
CA ASP B 164 -9.67 11.16 -6.86
C ASP B 164 -9.41 12.11 -5.67
N VAL B 165 -9.00 11.57 -4.53
CA VAL B 165 -8.73 12.39 -3.34
C VAL B 165 -7.72 13.53 -3.63
N TYR B 166 -6.93 13.39 -4.70
CA TYR B 166 -5.99 14.44 -5.16
C TYR B 166 -6.67 15.76 -5.54
N ALA B 167 -7.99 15.74 -5.68
CA ALA B 167 -8.72 16.95 -6.01
C ALA B 167 -8.56 18.05 -4.96
N GLY B 168 -8.12 17.67 -3.76
CA GLY B 168 -7.92 18.60 -2.68
C GLY B 168 -9.23 19.10 -2.09
N ILE B 169 -10.25 18.24 -2.03
CA ILE B 169 -11.54 18.63 -1.42
C ILE B 169 -11.66 17.99 -0.07
N GLU B 170 -11.54 18.80 0.97
CA GLU B 170 -11.57 18.32 2.35
C GLU B 170 -11.68 19.54 3.25
N TRP B 171 -12.16 19.33 4.47
CA TRP B 171 -12.27 20.38 5.48
C TRP B 171 -11.78 19.89 6.87
N PRO B 172 -11.09 20.74 7.64
CA PRO B 172 -10.66 20.37 9.00
C PRO B 172 -11.87 20.02 9.86
N HIS B 173 -11.68 19.14 10.85
CA HIS B 173 -12.73 18.63 11.71
C HIS B 173 -13.49 19.71 12.47
N ASP B 174 -12.79 20.79 12.81
CA ASP B 174 -13.36 21.79 13.67
C ASP B 174 -13.79 23.04 12.89
N SER B 175 -13.68 23.00 11.56
CA SER B 175 -14.15 24.12 10.72
C SER B 175 -15.68 24.18 10.70
N PRO B 176 -16.23 25.38 10.61
CA PRO B 176 -17.68 25.53 10.40
C PRO B 176 -18.16 24.81 9.09
N GLU B 177 -17.29 24.78 8.09
CA GLU B 177 -17.59 24.13 6.81
C GLU B 177 -17.82 22.62 7.00
N ALA B 178 -16.98 21.97 7.80
CA ALA B 178 -17.19 20.56 8.11
C ALA B 178 -18.52 20.36 8.83
N ALA B 179 -18.84 21.26 9.77
CA ALA B 179 -20.08 21.18 10.52
C ALA B 179 -21.31 21.38 9.63
N ARG B 180 -21.23 22.29 8.66
CA ARG B 180 -22.32 22.39 7.68
C ARG B 180 -22.53 21.13 6.85
N ILE B 181 -21.43 20.49 6.44
CA ILE B 181 -21.52 19.28 5.65
C ILE B 181 -22.06 18.10 6.48
N ARG B 182 -21.59 17.98 7.72
CA ARG B 182 -22.16 17.04 8.69
C ARG B 182 -23.67 17.23 8.83
N ARG B 183 -24.10 18.48 8.93
CA ARG B 183 -25.52 18.75 9.13
C ARG B 183 -26.29 18.40 7.87
N PHE B 184 -25.77 18.82 6.72
CA PHE B 184 -26.40 18.54 5.43
C PHE B 184 -26.54 17.03 5.21
N LEU B 185 -25.47 16.30 5.49
CA LEU B 185 -25.47 14.86 5.23
C LEU B 185 -26.38 14.09 6.17
N ALA B 186 -26.49 14.57 7.41
CA ALA B 186 -27.40 13.99 8.38
C ALA B 186 -28.87 14.27 8.07
N GLU B 187 -29.20 15.49 7.68
CA GLU B 187 -30.60 15.81 7.41
C GLU B 187 -31.13 15.28 6.06
N GLU B 188 -30.29 15.28 5.03
CA GLU B 188 -30.77 15.00 3.69
C GLU B 188 -30.64 13.54 3.36
N PHE B 189 -29.60 12.89 3.88
CA PHE B 189 -29.36 11.49 3.58
C PHE B 189 -29.29 10.60 4.82
N GLY B 190 -29.51 11.18 5.99
CA GLY B 190 -29.41 10.42 7.22
C GLY B 190 -28.05 9.79 7.48
N ILE B 191 -26.99 10.41 6.93
CA ILE B 191 -25.62 9.95 7.19
C ILE B 191 -25.08 10.61 8.45
N SER B 192 -24.49 9.83 9.33
CA SER B 192 -23.92 10.39 10.54
C SER B 192 -22.40 10.32 10.48
N ILE B 193 -21.77 11.46 10.70
CA ILE B 193 -20.32 11.57 10.77
C ILE B 193 -20.00 12.23 12.12
N ARG B 194 -18.98 11.72 12.78
CA ARG B 194 -18.60 12.19 14.11
C ARG B 194 -18.22 13.67 14.07
N GLU B 195 -18.56 14.36 15.16
CA GLU B 195 -18.24 15.78 15.30
C GLU B 195 -16.74 16.08 15.24
N ASP B 196 -15.91 15.10 15.59
CA ASP B 196 -14.46 15.31 15.59
C ASP B 196 -13.77 14.64 14.39
N ALA B 197 -14.49 14.51 13.28
CA ALA B 197 -13.94 13.93 12.06
C ALA B 197 -13.56 15.00 11.02
N GLY B 198 -12.36 14.88 10.47
CA GLY B 198 -12.03 15.56 9.24
C GLY B 198 -12.80 14.91 8.10
N ILE B 199 -13.09 15.67 7.06
CA ILE B 199 -13.95 15.19 5.99
C ILE B 199 -13.31 15.48 4.62
N GLY B 200 -13.11 14.43 3.86
CA GLY B 200 -12.63 14.52 2.49
C GLY B 200 -13.70 14.03 1.52
N VAL B 201 -13.62 14.50 0.27
CA VAL B 201 -14.52 14.06 -0.78
C VAL B 201 -13.71 13.46 -1.94
N LYS B 202 -14.17 12.31 -2.42
CA LYS B 202 -13.51 11.55 -3.49
C LYS B 202 -14.38 11.55 -4.76
N PRO B 203 -14.03 12.38 -5.76
CA PRO B 203 -14.69 12.31 -7.06
C PRO B 203 -13.93 11.48 -8.09
N ILE B 204 -14.64 10.60 -8.79
CA ILE B 204 -14.10 9.87 -9.94
C ILE B 204 -15.15 10.01 -11.07
N SER B 205 -14.72 10.54 -12.21
CA SER B 205 -15.61 10.84 -13.34
C SER B 205 -15.43 9.91 -14.54
N ARG B 206 -16.50 9.78 -15.32
CA ARG B 206 -16.50 9.04 -16.57
C ARG B 206 -15.47 9.60 -17.56
N PHE B 207 -15.44 10.92 -17.71
CA PHE B 207 -14.58 11.61 -18.69
C PHE B 207 -13.10 11.39 -18.40
N ALA B 208 -12.69 11.56 -17.14
CA ALA B 208 -11.29 11.39 -16.75
C ALA B 208 -10.79 9.96 -16.87
N THR B 209 -11.64 8.99 -16.52
CA THR B 209 -11.21 7.60 -16.61
C THR B 209 -11.15 7.08 -18.05
N ARG B 210 -12.10 7.49 -18.89
CA ARG B 210 -12.13 7.10 -20.31
C ARG B 210 -10.90 7.60 -21.08
N ARG B 211 -10.67 8.90 -21.00
CA ARG B 211 -9.45 9.58 -21.43
C ARG B 211 -8.18 8.76 -21.14
N LEU B 212 -8.02 8.38 -19.87
CA LEU B 212 -6.86 7.62 -19.40
C LEU B 212 -6.83 6.24 -20.04
N MET B 213 -7.95 5.52 -19.96
CA MET B 213 -7.98 4.15 -20.49
C MET B 213 -7.65 4.13 -21.98
N GLU B 214 -8.12 5.14 -22.70
CA GLU B 214 -7.84 5.25 -24.12
C GLU B 214 -6.34 5.36 -24.37
N ARG B 215 -5.67 6.25 -23.64
CA ARG B 215 -4.20 6.37 -23.70
C ARG B 215 -3.49 5.05 -23.33
N ALA B 216 -3.97 4.36 -22.29
CA ALA B 216 -3.43 3.04 -21.93
C ALA B 216 -3.58 2.05 -23.10
N LEU B 217 -4.79 1.97 -23.66
CA LEU B 217 -5.09 1.12 -24.82
C LEU B 217 -4.12 1.31 -26.00
N GLU B 218 -3.90 2.58 -26.37
CA GLU B 218 -3.06 2.91 -27.53
C GLU B 218 -1.59 2.71 -27.21
N TRP B 219 -1.21 3.01 -25.97
CA TRP B 219 0.13 2.69 -25.47
C TRP B 219 0.41 1.19 -25.65
N ALA B 220 -0.55 0.35 -25.24
CA ALA B 220 -0.40 -1.11 -25.37
C ALA B 220 -0.29 -1.56 -26.83
N LEU B 221 -1.04 -0.91 -27.72
CA LEU B 221 -1.07 -1.28 -29.15
C LEU B 221 0.21 -0.84 -29.87
N ARG B 222 0.78 0.29 -29.45
CA ARG B 222 2.02 0.82 -30.03
C ARG B 222 3.27 0.03 -29.61
N ASN B 223 3.26 -0.48 -28.37
CA ASN B 223 4.42 -1.21 -27.85
C ASN B 223 4.37 -2.76 -28.04
N GLY B 224 3.13 -3.26 -28.36
CA GLY B 224 2.82 -4.69 -28.34
C GLY B 224 2.51 -5.31 -26.95
N ASN B 225 2.03 -4.51 -25.99
CA ASN B 225 1.58 -5.08 -24.72
C ASN B 225 0.32 -5.93 -24.89
N THR B 226 0.24 -7.06 -24.15
CA THR B 226 -0.84 -8.02 -24.34
C THR B 226 -1.82 -8.13 -23.18
N VAL B 227 -1.52 -7.42 -22.08
CA VAL B 227 -2.37 -7.42 -20.89
C VAL B 227 -2.52 -6.00 -20.34
N VAL B 228 -3.77 -5.61 -20.10
CA VAL B 228 -4.07 -4.34 -19.46
C VAL B 228 -4.98 -4.59 -18.26
N THR B 229 -4.47 -4.23 -17.09
CA THR B 229 -5.12 -4.55 -15.83
C THR B 229 -5.63 -3.30 -15.09
N ILE B 230 -6.92 -3.30 -14.75
CA ILE B 230 -7.53 -2.18 -14.03
C ILE B 230 -7.44 -2.44 -12.53
N MET B 231 -6.75 -1.55 -11.81
CA MET B 231 -6.58 -1.71 -10.36
C MET B 231 -7.56 -0.81 -9.66
N HIS B 232 -8.42 -1.38 -8.82
CA HIS B 232 -9.52 -0.66 -8.22
C HIS B 232 -9.91 -1.32 -6.92
N LYS B 233 -10.53 -0.55 -6.02
CA LYS B 233 -11.08 -1.12 -4.80
C LYS B 233 -12.60 -0.97 -4.85
N GLY B 234 -13.15 -1.38 -5.99
CA GLY B 234 -14.55 -1.23 -6.33
C GLY B 234 -15.52 -2.07 -5.56
N ASN B 235 -15.03 -3.06 -4.80
CA ASN B 235 -15.91 -3.87 -3.94
C ASN B 235 -16.36 -3.11 -2.71
N ILE B 236 -15.55 -2.13 -2.28
CA ILE B 236 -15.86 -1.32 -1.13
C ILE B 236 -16.32 0.08 -1.53
N MET B 237 -15.66 0.66 -2.52
CA MET B 237 -16.06 1.96 -3.04
C MET B 237 -16.75 1.73 -4.39
N LYS B 238 -18.01 1.34 -4.33
CA LYS B 238 -18.68 0.92 -5.55
C LYS B 238 -18.86 2.02 -6.60
N TYR B 239 -19.01 3.27 -6.16
CA TYR B 239 -19.43 4.35 -7.04
C TYR B 239 -18.31 5.31 -7.48
N THR B 240 -17.10 5.05 -7.01
CA THR B 240 -15.93 5.81 -7.49
C THR B 240 -14.95 4.83 -8.14
N GLU B 241 -14.33 3.96 -7.33
CA GLU B 241 -13.45 2.91 -7.82
C GLU B 241 -14.18 1.84 -8.66
N GLY B 242 -15.37 1.41 -8.25
CA GLY B 242 -16.12 0.45 -9.03
C GLY B 242 -16.56 1.06 -10.36
N ALA B 243 -16.98 2.31 -10.32
CA ALA B 243 -17.36 3.06 -11.52
C ALA B 243 -16.16 3.18 -12.44
N PHE B 244 -14.99 3.45 -11.87
CA PHE B 244 -13.74 3.56 -12.62
C PHE B 244 -13.46 2.30 -13.41
N MET B 245 -13.61 1.16 -12.74
CA MET B 245 -13.50 -0.14 -13.38
C MET B 245 -14.52 -0.34 -14.50
N ARG B 246 -15.78 0.02 -14.24
CA ARG B 246 -16.82 -0.22 -15.25
C ARG B 246 -16.61 0.65 -16.49
N TRP B 247 -16.26 1.91 -16.27
CA TRP B 247 -16.02 2.87 -17.34
C TRP B 247 -14.80 2.48 -18.15
N ALA B 248 -13.80 1.88 -17.52
CA ALA B 248 -12.61 1.47 -18.26
C ALA B 248 -12.90 0.29 -19.17
N TYR B 249 -13.64 -0.70 -18.64
CA TYR B 249 -14.05 -1.85 -19.44
C TYR B 249 -14.87 -1.37 -20.63
N GLU B 250 -15.72 -0.38 -20.36
CA GLU B 250 -16.67 0.13 -21.35
C GLU B 250 -15.95 0.73 -22.54
N VAL B 251 -14.97 1.64 -22.31
CA VAL B 251 -14.24 2.22 -23.46
C VAL B 251 -13.44 1.19 -24.22
N ALA B 252 -12.89 0.23 -23.50
CA ALA B 252 -12.12 -0.84 -24.10
C ALA B 252 -12.96 -1.59 -25.14
N LEU B 253 -14.22 -1.88 -24.78
CA LEU B 253 -15.13 -2.59 -25.65
C LEU B 253 -15.78 -1.70 -26.72
N GLU B 254 -15.93 -0.41 -26.43
CA GLU B 254 -16.55 0.53 -27.36
C GLU B 254 -15.61 0.87 -28.51
N LYS B 255 -14.38 1.29 -28.19
CA LYS B 255 -13.52 1.90 -29.22
C LYS B 255 -12.41 0.98 -29.74
N PHE B 256 -12.26 -0.19 -29.05
CA PHE B 256 -11.13 -1.08 -29.32
C PHE B 256 -11.54 -2.60 -29.27
N ARG B 257 -12.82 -2.85 -29.59
CA ARG B 257 -13.43 -4.19 -29.54
C ARG B 257 -12.57 -5.25 -30.20
N GLU B 258 -12.08 -4.95 -31.40
CA GLU B 258 -11.33 -5.89 -32.19
C GLU B 258 -9.97 -6.19 -31.50
N HIS B 259 -9.41 -5.18 -30.81
CA HIS B 259 -8.09 -5.34 -30.16
C HIS B 259 -8.16 -5.88 -28.71
N VAL B 260 -9.37 -5.91 -28.16
CA VAL B 260 -9.56 -6.25 -26.75
C VAL B 260 -10.35 -7.51 -26.44
N VAL B 261 -9.88 -8.23 -25.42
CA VAL B 261 -10.61 -9.38 -24.90
C VAL B 261 -10.74 -9.29 -23.37
N THR B 262 -11.85 -9.86 -22.89
CA THR B 262 -12.11 -10.11 -21.48
C THR B 262 -11.66 -11.51 -21.02
N GLU B 263 -11.24 -11.61 -19.75
CA GLU B 263 -10.98 -12.87 -19.04
C GLU B 263 -12.24 -13.71 -19.04
N GLN B 264 -13.33 -13.00 -18.82
CA GLN B 264 -14.67 -13.52 -18.59
C GLN B 264 -15.26 -13.91 -19.94
N GLU B 265 -14.40 -14.35 -20.86
CA GLU B 265 -14.66 -14.51 -22.29
C GLU B 265 -13.65 -15.50 -22.84
N VAL B 266 -12.38 -15.26 -22.53
CA VAL B 266 -11.30 -16.21 -22.74
C VAL B 266 -11.75 -17.57 -22.23
N GLN B 267 -12.44 -17.56 -21.09
CA GLN B 267 -13.05 -18.73 -20.47
C GLN B 267 -14.47 -18.96 -21.00
N GLU B 268 -14.60 -19.09 -22.32
CA GLU B 268 -15.89 -19.29 -23.00
C GLU B 268 -15.75 -19.37 -24.52
N LYS B 269 -15.02 -18.46 -25.12
CA LYS B 269 -14.81 -18.37 -26.54
C LYS B 269 -13.39 -18.69 -26.99
N TYR B 270 -12.44 -18.74 -26.02
CA TYR B 270 -11.03 -18.97 -26.37
C TYR B 270 -10.36 -20.09 -25.52
N GLY B 271 -11.21 -20.97 -24.99
CA GLY B 271 -10.79 -22.23 -24.37
C GLY B 271 -9.75 -22.07 -23.26
N GLY B 272 -9.79 -20.92 -22.60
CA GLY B 272 -8.89 -20.63 -21.51
C GLY B 272 -7.58 -19.95 -21.86
N VAL B 273 -7.37 -19.60 -23.13
CA VAL B 273 -6.09 -19.02 -23.56
C VAL B 273 -6.29 -17.73 -24.38
N ARG B 274 -5.55 -16.66 -24.01
CA ARG B 274 -5.61 -15.34 -24.69
C ARG B 274 -5.11 -15.45 -26.13
N PRO B 275 -5.99 -15.22 -27.11
CA PRO B 275 -5.62 -15.30 -28.53
C PRO B 275 -4.58 -14.26 -28.92
N GLU B 276 -3.55 -14.72 -29.69
CA GLU B 276 -2.42 -13.86 -30.06
C GLU B 276 -2.99 -12.72 -30.92
N GLY B 277 -2.56 -11.50 -30.65
CA GLY B 277 -3.03 -10.32 -31.36
C GLY B 277 -4.16 -9.58 -30.65
N LYS B 278 -4.67 -10.17 -29.57
CA LYS B 278 -5.75 -9.53 -28.80
C LYS B 278 -5.34 -9.31 -27.35
N ILE B 279 -5.44 -8.06 -26.91
CA ILE B 279 -5.03 -7.65 -25.59
C ILE B 279 -6.03 -8.14 -24.54
N LEU B 280 -5.55 -8.87 -23.55
CA LEU B 280 -6.38 -9.22 -22.42
C LEU B 280 -6.63 -7.96 -21.55
N VAL B 281 -7.90 -7.64 -21.35
CA VAL B 281 -8.29 -6.57 -20.47
C VAL B 281 -8.91 -7.22 -19.24
N ASN B 282 -8.22 -7.08 -18.10
CA ASN B 282 -8.71 -7.62 -16.84
C ASN B 282 -8.67 -6.60 -15.70
N ASP B 283 -9.04 -7.02 -14.50
CA ASP B 283 -9.05 -6.11 -13.35
C ASP B 283 -8.73 -6.86 -12.08
N ARG B 284 -8.14 -6.14 -11.11
CA ARG B 284 -7.75 -6.74 -9.85
C ARG B 284 -8.08 -5.76 -8.73
N ILE B 285 -8.63 -6.28 -7.63
CA ILE B 285 -8.88 -5.53 -6.42
C ILE B 285 -7.52 -5.00 -5.94
N ALA B 286 -7.50 -3.73 -5.60
CA ALA B 286 -6.28 -3.01 -5.32
C ALA B 286 -5.32 -3.73 -4.36
N ASP B 287 -5.81 -4.23 -3.22
CA ASP B 287 -4.92 -4.92 -2.29
C ASP B 287 -4.39 -6.19 -2.91
N ASN B 288 -5.28 -6.93 -3.57
CA ASN B 288 -4.86 -8.07 -4.36
C ASN B 288 -3.80 -7.76 -5.46
N MET B 289 -3.99 -6.65 -6.18
CA MET B 289 -3.02 -6.16 -7.19
C MET B 289 -1.61 -5.96 -6.59
N LEU B 290 -1.55 -5.37 -5.40
CA LEU B 290 -0.27 -5.19 -4.69
C LEU B 290 0.36 -6.57 -4.43
N GLN B 291 -0.44 -7.53 -3.95
CA GLN B 291 0.06 -8.89 -3.77
C GLN B 291 0.53 -9.54 -5.08
N GLN B 292 -0.27 -9.36 -6.12
CA GLN B 292 -0.04 -9.98 -7.42
C GLN B 292 1.25 -9.49 -8.13
N ILE B 293 1.57 -8.20 -8.04
CA ILE B 293 2.86 -7.73 -8.59
C ILE B 293 4.05 -8.33 -7.85
N ILE B 294 3.85 -8.66 -6.57
CA ILE B 294 4.88 -9.31 -5.77
C ILE B 294 4.98 -10.83 -6.03
N THR B 295 3.83 -11.50 -6.13
CA THR B 295 3.75 -12.96 -6.24
C THR B 295 3.86 -13.43 -7.68
N ARG B 296 3.37 -12.60 -8.61
CA ARG B 296 3.14 -13.07 -9.97
C ARG B 296 3.43 -11.94 -10.97
N PRO B 297 4.61 -11.31 -10.88
CA PRO B 297 4.87 -10.06 -11.61
C PRO B 297 4.84 -10.26 -13.13
N TRP B 298 5.19 -11.46 -13.58
CA TRP B 298 5.27 -11.76 -15.01
C TRP B 298 3.89 -11.76 -15.66
N ASP B 299 2.83 -11.85 -14.86
CA ASP B 299 1.48 -11.87 -15.45
C ASP B 299 0.85 -10.47 -15.67
N TYR B 300 1.60 -9.40 -15.37
CA TYR B 300 1.06 -8.06 -15.57
C TYR B 300 1.97 -7.14 -16.38
N GLN B 301 1.37 -6.23 -17.13
CA GLN B 301 2.10 -5.36 -18.03
C GLN B 301 1.67 -3.89 -17.87
N VAL B 302 0.56 -3.52 -18.50
CA VAL B 302 -0.02 -2.19 -18.36
C VAL B 302 -1.02 -2.26 -17.22
N ILE B 303 -0.87 -1.34 -16.26
CA ILE B 303 -1.74 -1.27 -15.10
C ILE B 303 -2.43 0.09 -15.15
N VAL B 304 -3.75 0.09 -15.14
CA VAL B 304 -4.51 1.34 -15.26
C VAL B 304 -5.16 1.59 -13.91
N ALA B 305 -4.95 2.78 -13.34
CA ALA B 305 -5.37 3.07 -11.94
C ALA B 305 -5.86 4.50 -11.77
N PRO B 306 -6.80 4.71 -10.85
CA PRO B 306 -7.13 6.06 -10.41
C PRO B 306 -5.92 6.64 -9.68
N ASN B 307 -5.96 7.93 -9.37
CA ASN B 307 -4.81 8.67 -8.86
C ASN B 307 -4.09 8.07 -7.65
N LEU B 308 -4.83 7.76 -6.59
CA LEU B 308 -4.21 7.23 -5.35
C LEU B 308 -3.62 5.81 -5.50
N ASN B 309 -4.41 4.88 -6.01
CA ASN B 309 -3.90 3.54 -6.34
C ASN B 309 -2.67 3.57 -7.23
N GLY B 310 -2.67 4.46 -8.23
CA GLY B 310 -1.55 4.59 -9.14
C GLY B 310 -0.32 5.09 -8.41
N ASP B 311 -0.52 6.03 -7.49
CA ASP B 311 0.57 6.51 -6.66
C ASP B 311 1.16 5.38 -5.85
N TYR B 312 0.30 4.56 -5.24
CA TYR B 312 0.81 3.49 -4.39
C TYR B 312 1.47 2.38 -5.21
N ILE B 313 0.85 1.94 -6.30
CA ILE B 313 1.39 0.81 -7.08
C ILE B 313 2.76 1.10 -7.72
N SER B 314 2.94 2.33 -8.20
CA SER B 314 4.16 2.70 -8.91
C SER B 314 5.34 2.73 -7.94
N ASP B 315 5.14 3.29 -6.74
CA ASP B 315 6.21 3.21 -5.72
C ASP B 315 6.49 1.77 -5.32
N ALA B 316 5.45 0.98 -5.12
CA ALA B 316 5.66 -0.41 -4.74
C ALA B 316 6.41 -1.20 -5.82
N ALA B 317 6.00 -1.06 -7.07
CA ALA B 317 6.63 -1.80 -8.17
C ALA B 317 8.09 -1.40 -8.40
N SER B 318 8.42 -0.12 -8.26
CA SER B 318 9.80 0.35 -8.44
C SER B 318 10.72 -0.18 -7.34
N ALA B 319 10.17 -0.34 -6.13
CA ALA B 319 10.93 -0.87 -4.99
C ALA B 319 11.36 -2.28 -5.28
N LEU B 320 10.46 -3.03 -5.91
CA LEU B 320 10.75 -4.42 -6.26
C LEU B 320 12.00 -4.52 -7.12
N VAL B 321 12.15 -3.59 -8.06
CA VAL B 321 13.27 -3.62 -9.00
C VAL B 321 14.48 -2.78 -8.56
N GLY B 322 14.52 -2.38 -7.29
CA GLY B 322 15.68 -1.70 -6.73
C GLY B 322 15.41 -0.39 -6.00
N GLY B 323 14.17 0.10 -6.10
CA GLY B 323 13.84 1.38 -5.49
C GLY B 323 13.64 2.50 -6.49
N ILE B 324 13.03 3.59 -6.02
CA ILE B 324 12.58 4.63 -6.92
C ILE B 324 13.72 5.54 -7.43
N GLY B 325 14.94 5.20 -7.02
CA GLY B 325 16.15 5.78 -7.56
C GLY B 325 16.34 5.50 -9.05
N MET B 326 15.60 4.51 -9.55
CA MET B 326 15.61 4.13 -10.96
C MET B 326 14.28 4.44 -11.68
N ALA B 327 13.34 5.02 -10.93
CA ALA B 327 11.95 5.13 -11.37
C ALA B 327 11.64 6.43 -12.12
N ALA B 328 11.43 6.28 -13.43
CA ALA B 328 11.13 7.40 -14.32
C ALA B 328 9.63 7.70 -14.38
N GLY B 329 9.28 8.92 -14.78
CA GLY B 329 7.88 9.28 -14.94
C GLY B 329 7.62 10.29 -16.04
N MET B 330 6.36 10.37 -16.47
CA MET B 330 5.94 11.36 -17.46
C MET B 330 4.48 11.77 -17.26
N ASN B 331 4.29 13.04 -16.89
CA ASN B 331 2.99 13.67 -16.81
C ASN B 331 2.55 14.10 -18.20
N MET B 332 1.71 13.29 -18.83
CA MET B 332 1.38 13.49 -20.24
C MET B 332 -0.02 14.03 -20.40
N GLY B 333 -0.10 15.17 -21.09
CA GLY B 333 -1.35 15.72 -21.58
C GLY B 333 -1.31 15.79 -23.10
N ASP B 334 -2.41 16.26 -23.70
CA ASP B 334 -2.54 16.34 -25.16
C ASP B 334 -1.56 17.37 -25.76
N GLY B 335 -0.39 16.88 -26.17
CA GLY B 335 0.61 17.69 -26.86
C GLY B 335 1.55 18.46 -25.94
N ILE B 336 1.57 18.03 -24.68
CA ILE B 336 2.35 18.66 -23.63
C ILE B 336 2.72 17.58 -22.63
N ALA B 337 4.01 17.54 -22.27
CA ALA B 337 4.48 16.58 -21.28
C ALA B 337 5.56 17.19 -20.40
N VAL B 338 5.60 16.73 -19.15
CA VAL B 338 6.58 17.17 -18.16
C VAL B 338 7.26 15.95 -17.53
N ALA B 339 8.52 15.73 -17.86
CA ALA B 339 9.28 14.62 -17.30
C ALA B 339 9.64 14.91 -15.86
N GLU B 340 9.50 13.88 -15.03
CA GLU B 340 9.58 14.00 -13.59
C GLU B 340 9.74 12.59 -13.02
N PRO B 341 10.73 12.40 -12.15
CA PRO B 341 10.96 11.10 -11.52
C PRO B 341 9.78 10.73 -10.63
N VAL B 342 9.70 9.45 -10.28
CA VAL B 342 8.74 9.01 -9.28
C VAL B 342 9.10 9.62 -7.91
N HIS B 343 10.37 9.47 -7.53
CA HIS B 343 10.85 9.91 -6.22
C HIS B 343 10.72 11.40 -6.01
N GLY B 344 10.57 11.78 -4.75
CA GLY B 344 10.57 13.16 -4.38
C GLY B 344 11.89 13.66 -3.87
N THR B 345 11.74 14.51 -2.87
CA THR B 345 12.74 15.44 -2.44
C THR B 345 13.92 14.84 -1.64
N ALA B 346 13.69 13.67 -1.06
CA ALA B 346 14.64 12.95 -0.19
C ALA B 346 15.58 13.86 0.64
N PRO B 347 15.01 14.61 1.59
CA PRO B 347 15.72 15.72 2.24
C PRO B 347 16.93 15.29 3.07
N LYS B 348 16.93 14.05 3.57
CA LYS B 348 18.08 13.53 4.33
C LYS B 348 19.31 13.31 3.45
N TYR B 349 19.11 13.17 2.15
CA TYR B 349 20.22 13.05 1.19
C TYR B 349 20.53 14.35 0.45
N ALA B 350 19.78 15.41 0.74
CA ALA B 350 19.81 16.65 -0.05
C ALA B 350 21.21 17.07 -0.58
N GLY B 351 22.05 17.61 0.30
CA GLY B 351 23.36 18.09 -0.12
C GLY B 351 24.49 17.19 0.32
N LYS B 352 24.43 15.92 -0.08
CA LYS B 352 25.38 14.93 0.42
C LYS B 352 26.14 14.19 -0.68
N ASP B 353 25.82 14.45 -1.95
CA ASP B 353 26.47 13.78 -3.09
C ASP B 353 26.28 12.24 -3.03
N LEU B 354 25.12 11.81 -2.53
CA LEU B 354 24.81 10.38 -2.32
C LEU B 354 23.72 9.88 -3.27
N ILE B 355 22.77 10.74 -3.53
CA ILE B 355 21.57 10.42 -4.28
C ILE B 355 21.78 9.76 -5.66
N ASN B 356 20.83 8.92 -6.06
CA ASN B 356 20.84 8.28 -7.37
C ASN B 356 20.15 9.14 -8.44
N PRO B 357 20.91 9.60 -9.44
CA PRO B 357 20.38 10.44 -10.52
C PRO B 357 19.66 9.68 -11.64
N SER B 358 19.71 8.34 -11.63
CA SER B 358 19.14 7.52 -12.71
C SER B 358 17.67 7.82 -13.05
N ALA B 359 16.85 8.00 -12.01
CA ALA B 359 15.41 8.23 -12.19
C ALA B 359 15.18 9.52 -12.99
N GLU B 360 15.91 10.58 -12.64
CA GLU B 360 15.79 11.87 -13.32
C GLU B 360 16.32 11.81 -14.75
N ILE B 361 17.40 11.07 -14.95
CA ILE B 361 17.99 10.87 -16.28
C ILE B 361 17.04 10.07 -17.18
N LEU B 362 16.41 9.04 -16.61
CA LEU B 362 15.51 8.18 -17.38
C LEU B 362 14.16 8.83 -17.67
N SER B 363 13.75 9.80 -16.82
CA SER B 363 12.57 10.59 -17.08
C SER B 363 12.95 11.48 -18.27
N ALA B 364 14.17 12.06 -18.20
CA ALA B 364 14.66 12.90 -19.27
C ALA B 364 14.68 12.11 -20.57
N SER B 365 15.00 10.82 -20.48
CA SER B 365 15.04 9.96 -21.66
C SER B 365 13.67 9.56 -22.16
N LEU B 366 12.70 9.50 -21.24
CA LEU B 366 11.35 9.11 -21.59
C LEU B 366 10.67 10.26 -22.34
N LEU B 367 10.97 11.49 -21.92
CA LEU B 367 10.46 12.66 -22.59
C LEU B 367 11.03 12.75 -24.00
N ILE B 368 12.38 12.79 -24.08
CA ILE B 368 13.10 12.95 -25.35
C ILE B 368 12.95 11.77 -26.33
N GLY B 369 12.95 10.54 -25.78
CA GLY B 369 12.84 9.33 -26.57
C GLY B 369 11.43 9.00 -27.04
N GLU B 370 10.57 8.60 -26.10
CA GLU B 370 9.22 8.11 -26.45
C GLU B 370 8.27 9.22 -26.92
N PHE B 371 8.36 10.41 -26.32
CA PHE B 371 7.39 11.47 -26.59
C PHE B 371 7.81 12.41 -27.71
N MET B 372 9.04 12.92 -27.61
CA MET B 372 9.53 13.89 -28.58
C MET B 372 9.88 13.19 -29.91
N GLY B 373 10.39 11.97 -29.84
CA GLY B 373 10.62 11.14 -31.02
C GLY B 373 12.05 10.75 -31.33
N TRP B 374 12.98 11.18 -30.48
CA TRP B 374 14.40 10.84 -30.63
C TRP B 374 14.67 9.49 -29.96
N ARG B 375 14.26 8.43 -30.66
CA ARG B 375 14.28 7.07 -30.10
C ARG B 375 15.69 6.61 -29.72
N GLU B 376 16.67 7.06 -30.50
CA GLU B 376 18.08 6.70 -30.31
C GLU B 376 18.69 7.22 -29.01
N VAL B 377 18.27 8.42 -28.58
CA VAL B 377 18.71 8.96 -27.29
C VAL B 377 18.19 8.07 -26.14
N LYS B 378 17.03 7.45 -26.35
CA LYS B 378 16.49 6.47 -25.41
C LYS B 378 17.41 5.26 -25.23
N SER B 379 17.92 4.71 -26.34
CA SER B 379 18.66 3.44 -26.32
C SER B 379 20.10 3.56 -25.85
N ILE B 380 20.74 4.72 -26.16
CA ILE B 380 22.11 4.97 -25.70
C ILE B 380 21.97 5.21 -24.15
N VAL B 381 20.81 5.89 -23.87
CA VAL B 381 20.30 6.28 -22.58
C VAL B 381 20.20 5.00 -21.72
N GLU B 382 19.60 3.93 -22.33
CA GLU B 382 19.35 2.64 -21.69
C GLU B 382 20.58 1.75 -21.63
N TYR B 383 21.41 1.79 -22.68
CA TYR B 383 22.63 1.01 -22.80
C TYR B 383 23.66 1.38 -21.75
N ALA B 384 23.78 2.69 -21.50
CA ALA B 384 24.78 3.22 -20.57
C ALA B 384 24.48 2.81 -19.13
N ILE B 385 23.26 3.12 -18.67
CA ILE B 385 22.76 2.67 -17.37
C ILE B 385 22.89 1.15 -17.20
N ARG B 386 22.45 0.40 -18.20
CA ARG B 386 22.63 -1.05 -18.21
C ARG B 386 24.08 -1.45 -17.95
N LYS B 387 25.00 -0.77 -18.64
CA LYS B 387 26.43 -1.11 -18.56
C LYS B 387 27.01 -0.73 -17.20
N ALA B 388 26.72 0.49 -16.74
CA ALA B 388 27.16 0.97 -15.44
C ALA B 388 26.64 0.06 -14.34
N VAL B 389 25.42 -0.42 -14.53
CA VAL B 389 24.71 -1.24 -13.57
C VAL B 389 25.31 -2.65 -13.54
N GLN B 390 25.31 -3.30 -14.70
CA GLN B 390 25.80 -4.69 -14.81
C GLN B 390 27.31 -4.81 -14.64
N SER B 391 27.91 -3.85 -13.95
CA SER B 391 29.35 -3.84 -13.68
C SER B 391 29.67 -3.42 -12.24
N LYS B 392 28.63 -3.19 -11.44
CA LYS B 392 28.77 -2.86 -10.02
C LYS B 392 29.44 -1.49 -9.77
N LYS B 393 29.09 -0.51 -10.60
CA LYS B 393 29.48 0.88 -10.40
C LYS B 393 28.18 1.66 -10.17
N VAL B 394 27.74 1.70 -8.91
CA VAL B 394 26.39 2.19 -8.57
C VAL B 394 26.39 3.03 -7.29
N THR B 395 25.41 3.92 -7.18
CA THR B 395 25.17 4.70 -5.96
C THR B 395 24.68 3.77 -4.83
N GLN B 396 24.75 4.26 -3.58
CA GLN B 396 24.49 3.45 -2.38
C GLN B 396 23.16 2.67 -2.33
N ASP B 397 22.13 3.21 -2.97
CA ASP B 397 20.79 2.64 -2.92
C ASP B 397 20.74 1.26 -3.60
N LEU B 398 21.49 1.11 -4.68
CA LEU B 398 21.61 -0.16 -5.40
C LEU B 398 22.72 -1.02 -4.78
N ALA B 399 23.84 -0.38 -4.44
CA ALA B 399 25.00 -1.06 -3.85
C ALA B 399 24.67 -1.76 -2.52
N ARG B 400 23.59 -1.33 -1.87
CA ARG B 400 23.13 -1.93 -0.61
C ARG B 400 22.67 -3.39 -0.76
N HIS B 401 21.92 -3.67 -1.83
CA HIS B 401 21.32 -4.98 -2.03
C HIS B 401 22.26 -6.02 -2.65
N MET B 402 23.56 -5.90 -2.38
CA MET B 402 24.58 -6.82 -2.90
C MET B 402 25.86 -6.79 -2.06
N PRO B 403 26.39 -7.97 -1.70
CA PRO B 403 27.68 -8.05 -0.97
C PRO B 403 28.89 -7.63 -1.81
N GLY B 404 29.83 -6.93 -1.17
CA GLY B 404 31.09 -6.53 -1.79
C GLY B 404 31.07 -5.22 -2.55
N VAL B 405 29.92 -4.90 -3.14
CA VAL B 405 29.77 -3.75 -4.03
C VAL B 405 30.01 -2.41 -3.32
N GLN B 406 31.17 -1.80 -3.61
CA GLN B 406 31.51 -0.47 -3.12
C GLN B 406 30.63 0.58 -3.82
N PRO B 407 30.06 1.52 -3.05
CA PRO B 407 29.16 2.54 -3.61
C PRO B 407 29.88 3.79 -4.14
N LEU B 408 29.34 4.36 -5.21
CA LEU B 408 29.90 5.57 -5.82
C LEU B 408 29.00 6.80 -5.60
N ARG B 409 29.65 7.95 -5.38
CA ARG B 409 28.97 9.23 -5.18
C ARG B 409 28.18 9.65 -6.43
N THR B 410 27.23 10.56 -6.24
CA THR B 410 26.38 11.05 -7.33
C THR B 410 27.20 11.57 -8.51
N SER B 411 28.13 12.46 -8.21
CA SER B 411 29.01 13.05 -9.23
C SER B 411 29.85 12.02 -9.97
N GLU B 412 30.42 11.05 -9.23
CA GLU B 412 31.26 10.04 -9.87
C GLU B 412 30.47 8.96 -10.61
N TYR B 413 29.23 8.72 -10.18
CA TYR B 413 28.32 7.88 -10.95
C TYR B 413 27.95 8.58 -12.27
N THR B 414 27.74 9.89 -12.22
CA THR B 414 27.36 10.63 -13.43
C THR B 414 28.52 10.78 -14.44
N GLU B 415 29.74 10.92 -13.93
CA GLU B 415 30.93 10.97 -14.79
C GLU B 415 31.27 9.60 -15.39
N THR B 416 30.74 8.54 -14.79
CA THR B 416 30.84 7.19 -15.32
C THR B 416 29.88 7.03 -16.49
N LEU B 417 28.65 7.47 -16.31
CA LEU B 417 27.62 7.42 -17.35
C LEU B 417 28.09 8.17 -18.59
N ILE B 418 28.58 9.39 -18.36
CA ILE B 418 29.07 10.27 -19.42
C ILE B 418 30.11 9.58 -20.29
N ALA B 419 31.11 8.97 -19.65
CA ALA B 419 32.16 8.19 -20.32
C ALA B 419 31.61 6.98 -21.10
N TYR B 420 30.56 6.35 -20.59
CA TYR B 420 29.90 5.25 -21.29
C TYR B 420 29.19 5.71 -22.57
N ILE B 421 28.67 6.94 -22.53
CA ILE B 421 28.00 7.54 -23.69
C ILE B 421 29.01 7.89 -24.78
N ASP B 422 30.04 8.66 -24.41
CA ASP B 422 31.03 9.19 -25.36
C ASP B 422 31.88 8.11 -26.03
N GLU B 423 32.01 6.96 -25.36
CA GLU B 423 32.89 5.87 -25.80
C GLU B 423 32.15 4.62 -26.33
N ALA B 424 30.98 4.85 -26.92
CA ALA B 424 30.10 3.76 -27.35
C ALA B 424 30.07 3.40 -28.84
N ASP B 425 30.00 2.11 -29.07
CA ASP B 425 29.83 1.55 -30.41
C ASP B 425 28.35 1.67 -30.78
N LEU B 426 28.03 2.63 -31.68
CA LEU B 426 26.63 2.87 -32.06
C LEU B 426 26.21 1.95 -33.20
#